data_9MY7
#
_entry.id   9MY7
#
_cell.length_a   65.294
_cell.length_b   143.346
_cell.length_c   149.199
_cell.angle_alpha   90.000
_cell.angle_beta   90.000
_cell.angle_gamma   90.000
#
_symmetry.space_group_name_H-M   'P 21 21 21'
#
loop_
_entity.id
_entity.type
_entity.pdbx_description
1 polymer '(2,3-dihydroxybenzoyl)adenylate synthase'
2 non-polymer '2-HYDROXY-4-AMINOBENZOIC ACID'
3 non-polymer 1,2-ETHANEDIOL
4 non-polymer 'CALCIUM ION'
5 water water
#
_entity_poly.entity_id   1
_entity_poly.type   'polypeptide(L)'
_entity_poly.pdbx_seq_one_letter_code
;MGSSHHHHHSSGENLYFQGHMKKQLIEFVRWSPERAQHYRNKGYWIDQPLTRILTVGVQSHPHSLAIICGERQLSYIELD
RLSTNLATRLAEKGLGKGDTALVQLPNVAEFYIVFFALLKAGVVVLNALYSHRQYELNAFIKQIQPKLLIGSRQHEVFSN
NQFIDSLHDVNLSPEIILMLNHQATDFGLLDWIETPAETFVDFSSTPADEVAFFQLSGGSTGTPKLIPRTHNDYDYSVRA
SAEICGLNSNTRLLCALPAPHNFMLSSPGALGVLHAGGCVVMAPNPEPLNCFSIIQRHQVNMASLVPSAVIMWLEKAAQY
KDQIQSLKLLQVGGASFPESLARQVPEVLNCKLQQGFGMAEGLVNYTRLDDSDEQIFTTQGRPISSDDEIKIVDEQYREV
PEGEIGMLATRGPYTFCGYYQSPEHNSQVFDEDNYYYSGDLVQRTPDGNLRVVGRIKDQINRGGEKIASEEIEKLILLHP
EVMHAALVAIVDEQFGEKSCAFIVSRNPELKAVVLRRHLMELGIAQYKLPDQIKLIESLPLTAVGKVDKKQLRSILNTST
TS
;
_entity_poly.pdbx_strand_id   B,A
#
# COMPACT_ATOMS: atom_id res chain seq x y z
N LYS A 23 -26.89 -25.73 9.27
CA LYS A 23 -26.60 -26.78 10.25
C LYS A 23 -25.09 -27.04 10.35
N GLN A 24 -24.42 -27.05 9.20
CA GLN A 24 -22.98 -27.32 9.16
C GLN A 24 -22.22 -26.07 9.56
N LEU A 25 -21.39 -26.18 10.59
CA LEU A 25 -20.52 -25.08 10.97
C LEU A 25 -19.42 -24.90 9.94
N ILE A 26 -18.84 -23.69 9.92
CA ILE A 26 -17.84 -23.36 8.92
C ILE A 26 -16.66 -24.31 9.01
N GLU A 27 -16.18 -24.76 7.86
CA GLU A 27 -15.05 -25.67 7.80
C GLU A 27 -13.75 -24.93 8.01
N PHE A 28 -12.78 -25.63 8.63
CA PHE A 28 -11.45 -25.07 8.84
C PHE A 28 -10.53 -26.22 9.25
N VAL A 29 -9.23 -25.96 9.17
CA VAL A 29 -8.22 -26.95 9.54
C VAL A 29 -7.98 -26.87 11.03
N ARG A 30 -7.79 -28.03 11.65
CA ARG A 30 -7.78 -28.14 13.10
C ARG A 30 -6.39 -28.46 13.63
N TRP A 31 -6.16 -28.09 14.88
CA TRP A 31 -4.98 -28.55 15.60
C TRP A 31 -5.10 -30.05 15.88
N SER A 32 -3.96 -30.72 15.94
CA SER A 32 -3.97 -32.11 16.36
C SER A 32 -4.52 -32.20 17.79
N PRO A 33 -5.24 -33.28 18.11
CA PRO A 33 -5.75 -33.41 19.48
C PRO A 33 -4.66 -33.40 20.53
N GLU A 34 -3.49 -33.97 20.24
CA GLU A 34 -2.38 -33.94 21.18
C GLU A 34 -2.04 -32.50 21.57
N ARG A 35 -1.97 -31.61 20.58
CA ARG A 35 -1.69 -30.21 20.86
C ARG A 35 -2.88 -29.54 21.53
N ALA A 36 -4.10 -29.80 21.03
CA ALA A 36 -5.29 -29.17 21.60
C ALA A 36 -5.43 -29.49 23.08
N GLN A 37 -5.02 -30.69 23.50
CA GLN A 37 -5.00 -31.00 24.93
C GLN A 37 -3.95 -30.18 25.65
N HIS A 38 -2.73 -30.16 25.12
CA HIS A 38 -1.64 -29.40 25.74
C HIS A 38 -2.05 -27.95 25.97
N TYR A 39 -2.63 -27.31 24.96
CA TYR A 39 -3.03 -25.91 25.11
C TYR A 39 -4.14 -25.75 26.13
N ARG A 40 -4.99 -26.76 26.30
CA ARG A 40 -5.99 -26.72 27.36
C ARG A 40 -5.35 -26.96 28.73
N ASN A 41 -4.43 -27.92 28.79
CA ASN A 41 -3.77 -28.22 30.06
C ASN A 41 -2.99 -27.03 30.58
N LYS A 42 -2.38 -26.26 29.67
CA LYS A 42 -1.56 -25.11 30.04
C LYS A 42 -2.38 -23.88 30.39
N GLY A 43 -3.70 -23.91 30.17
CA GLY A 43 -4.54 -22.78 30.45
C GLY A 43 -4.73 -21.80 29.30
N TYR A 44 -4.14 -22.09 28.14
CA TYR A 44 -4.29 -21.18 27.00
C TYR A 44 -5.73 -21.18 26.49
N TRP A 45 -6.23 -22.35 26.12
CA TRP A 45 -7.61 -22.49 25.66
C TRP A 45 -8.50 -22.74 26.88
N ILE A 46 -9.38 -21.79 27.16
CA ILE A 46 -10.33 -21.91 28.26
C ILE A 46 -11.74 -22.18 27.76
N ASP A 47 -11.89 -22.47 26.46
CA ASP A 47 -13.16 -22.90 25.88
C ASP A 47 -14.31 -22.00 26.27
N GLN A 48 -14.12 -20.70 26.05
CA GLN A 48 -15.16 -19.70 26.24
C GLN A 48 -15.36 -18.90 24.95
N PRO A 49 -16.58 -18.43 24.70
CA PRO A 49 -16.81 -17.58 23.54
C PRO A 49 -16.19 -16.20 23.73
N LEU A 50 -15.84 -15.57 22.61
CA LEU A 50 -15.22 -14.25 22.66
C LEU A 50 -16.10 -13.24 23.39
N THR A 51 -17.40 -13.52 23.53
CA THR A 51 -18.27 -12.64 24.30
C THR A 51 -17.89 -12.61 25.78
N ARG A 52 -17.06 -13.57 26.22
CA ARG A 52 -16.57 -13.54 27.59
C ARG A 52 -16.09 -12.16 27.99
N ILE A 53 -15.43 -11.46 27.06
CA ILE A 53 -14.93 -10.12 27.35
C ILE A 53 -16.06 -9.19 27.77
N LEU A 54 -17.20 -9.27 27.06
CA LEU A 54 -18.34 -8.44 27.42
C LEU A 54 -18.97 -8.91 28.72
N THR A 55 -19.34 -10.19 28.79
CA THR A 55 -20.01 -10.72 29.96
C THR A 55 -19.22 -10.41 31.24
N VAL A 56 -17.97 -10.86 31.28
CA VAL A 56 -17.14 -10.64 32.48
C VAL A 56 -17.09 -9.16 32.83
N GLY A 57 -17.07 -8.30 31.82
CA GLY A 57 -17.02 -6.87 32.08
C GLY A 57 -18.29 -6.34 32.69
N VAL A 58 -19.45 -6.83 32.22
CA VAL A 58 -20.72 -6.32 32.74
C VAL A 58 -20.93 -6.76 34.18
N GLN A 59 -20.37 -7.89 34.59
CA GLN A 59 -20.55 -8.35 35.97
C GLN A 59 -19.70 -7.54 36.94
N SER A 60 -18.49 -7.16 36.53
CA SER A 60 -17.58 -6.45 37.43
C SER A 60 -17.84 -4.95 37.45
N HIS A 61 -17.94 -4.32 36.28
CA HIS A 61 -17.94 -2.86 36.16
C HIS A 61 -18.89 -2.44 35.05
N PRO A 62 -20.19 -2.70 35.23
CA PRO A 62 -21.14 -2.42 34.14
C PRO A 62 -21.14 -0.98 33.67
N HIS A 63 -20.73 -0.03 34.51
CA HIS A 63 -20.86 1.38 34.20
C HIS A 63 -19.55 2.03 33.75
N SER A 64 -18.42 1.34 33.90
CA SER A 64 -17.18 1.85 33.32
C SER A 64 -17.37 2.09 31.84
N LEU A 65 -16.71 3.13 31.33
CA LEU A 65 -16.78 3.42 29.91
C LEU A 65 -16.03 2.35 29.12
N ALA A 66 -16.70 1.75 28.14
CA ALA A 66 -16.09 0.79 27.25
C ALA A 66 -15.57 1.42 25.96
N ILE A 67 -16.31 2.37 25.40
CA ILE A 67 -15.96 3.00 24.13
C ILE A 67 -16.30 4.48 24.20
N ILE A 68 -15.34 5.31 23.83
CA ILE A 68 -15.57 6.74 23.59
C ILE A 68 -15.47 6.97 22.09
N CYS A 69 -16.53 7.55 21.51
CA CYS A 69 -16.58 7.79 20.06
C CYS A 69 -17.21 9.15 19.83
N GLY A 70 -16.39 10.13 19.45
CA GLY A 70 -16.91 11.47 19.26
C GLY A 70 -17.43 12.02 20.57
N GLU A 71 -18.74 12.27 20.62
CA GLU A 71 -19.39 12.78 21.81
C GLU A 71 -20.13 11.71 22.59
N ARG A 72 -20.00 10.45 22.18
CA ARG A 72 -20.76 9.35 22.76
C ARG A 72 -19.90 8.58 23.76
N GLN A 73 -20.53 8.17 24.86
CA GLN A 73 -19.87 7.42 25.92
C GLN A 73 -20.64 6.12 26.15
N LEU A 74 -20.07 5.01 25.69
CA LEU A 74 -20.68 3.69 25.80
C LEU A 74 -20.07 2.96 26.99
N SER A 75 -20.91 2.61 27.96
CA SER A 75 -20.44 1.79 29.07
C SER A 75 -20.45 0.32 28.66
N TYR A 76 -19.89 -0.52 29.53
CA TYR A 76 -19.86 -1.95 29.24
C TYR A 76 -21.26 -2.53 29.11
N ILE A 77 -22.16 -2.18 30.03
CA ILE A 77 -23.52 -2.69 29.95
C ILE A 77 -24.28 -2.03 28.80
N GLU A 78 -23.96 -0.77 28.48
CA GLU A 78 -24.52 -0.16 27.28
C GLU A 78 -24.15 -0.97 26.04
N LEU A 79 -22.88 -1.36 25.93
CA LEU A 79 -22.44 -2.17 24.81
C LEU A 79 -23.15 -3.52 24.79
N ASP A 80 -23.31 -4.14 25.96
CA ASP A 80 -23.97 -5.44 26.03
C ASP A 80 -25.41 -5.36 25.53
N ARG A 81 -26.18 -4.41 26.08
CA ARG A 81 -27.58 -4.30 25.69
C ARG A 81 -27.73 -3.99 24.21
N LEU A 82 -26.88 -3.12 23.67
CA LEU A 82 -27.03 -2.72 22.28
C LEU A 82 -26.69 -3.86 21.33
N SER A 83 -25.61 -4.60 21.60
CA SER A 83 -25.28 -5.74 20.76
C SER A 83 -26.26 -6.87 20.91
N THR A 84 -26.96 -6.97 22.05
CA THR A 84 -28.02 -7.96 22.18
C THR A 84 -29.22 -7.59 21.34
N ASN A 85 -29.61 -6.31 21.35
CA ASN A 85 -30.72 -5.86 20.52
C ASN A 85 -30.53 -6.30 19.07
N LEU A 86 -29.35 -6.02 18.51
CA LEU A 86 -29.10 -6.41 17.13
C LEU A 86 -29.12 -7.92 16.96
N ALA A 87 -28.51 -8.65 17.90
CA ALA A 87 -28.46 -10.09 17.79
C ALA A 87 -29.85 -10.71 17.81
N THR A 88 -30.73 -10.19 18.68
CA THR A 88 -32.08 -10.73 18.75
C THR A 88 -32.85 -10.52 17.45
N ARG A 89 -32.56 -9.42 16.74
CA ARG A 89 -33.23 -9.16 15.47
C ARG A 89 -32.65 -9.98 14.33
N LEU A 90 -31.36 -10.33 14.41
CA LEU A 90 -30.78 -11.22 13.42
C LEU A 90 -31.29 -12.64 13.61
N ALA A 91 -31.36 -13.11 14.86
CA ALA A 91 -31.96 -14.41 15.12
C ALA A 91 -33.44 -14.42 14.71
N GLU A 92 -34.14 -13.33 14.99
CA GLU A 92 -35.54 -13.21 14.56
C GLU A 92 -35.67 -13.45 13.07
N LYS A 93 -34.70 -12.97 12.29
CA LYS A 93 -34.71 -13.15 10.84
C LYS A 93 -34.15 -14.49 10.40
N GLY A 94 -33.89 -15.41 11.33
CA GLY A 94 -33.41 -16.73 10.97
C GLY A 94 -31.93 -16.82 10.69
N LEU A 95 -31.15 -15.82 11.09
CA LEU A 95 -29.71 -15.80 10.87
C LEU A 95 -28.99 -16.29 12.12
N GLY A 96 -28.12 -17.28 11.95
CA GLY A 96 -27.39 -17.84 13.06
C GLY A 96 -26.31 -18.81 12.65
N LYS A 97 -26.04 -19.81 13.49
CA LYS A 97 -24.98 -20.78 13.22
C LYS A 97 -25.10 -21.32 11.80
N GLY A 98 -23.94 -21.48 11.15
CA GLY A 98 -23.87 -21.89 9.78
C GLY A 98 -23.80 -20.74 8.79
N ASP A 99 -24.31 -19.57 9.16
CA ASP A 99 -24.33 -18.41 8.27
C ASP A 99 -23.11 -17.53 8.49
N THR A 100 -22.82 -16.71 7.49
CA THR A 100 -21.70 -15.78 7.51
C THR A 100 -22.20 -14.37 7.24
N ALA A 101 -21.34 -13.39 7.52
CA ALA A 101 -21.68 -11.98 7.34
C ALA A 101 -20.45 -11.22 6.85
N LEU A 102 -20.70 -10.23 6.01
CA LEU A 102 -19.65 -9.33 5.52
C LEU A 102 -19.92 -7.94 6.07
N VAL A 103 -18.98 -7.44 6.88
CA VAL A 103 -19.11 -6.14 7.54
C VAL A 103 -18.02 -5.22 7.02
N GLN A 104 -18.41 -3.99 6.68
CA GLN A 104 -17.45 -2.95 6.27
C GLN A 104 -17.93 -1.63 6.87
N LEU A 105 -17.48 -1.34 8.08
CA LEU A 105 -17.82 -0.12 8.80
C LEU A 105 -16.57 0.67 9.11
N PRO A 106 -16.70 1.98 9.31
CA PRO A 106 -15.52 2.79 9.68
C PRO A 106 -15.23 2.74 11.17
N ASN A 107 -14.25 3.53 11.62
CA ASN A 107 -13.80 3.50 13.01
C ASN A 107 -14.80 4.29 13.87
N VAL A 108 -15.94 3.65 14.14
CA VAL A 108 -16.98 4.20 15.00
C VAL A 108 -17.48 3.11 15.94
N ALA A 109 -18.24 3.53 16.94
CA ALA A 109 -18.70 2.60 17.96
C ALA A 109 -19.54 1.48 17.36
N GLU A 110 -20.31 1.76 16.30
CA GLU A 110 -21.14 0.73 15.70
C GLU A 110 -20.35 -0.51 15.32
N PHE A 111 -19.06 -0.34 14.97
CA PHE A 111 -18.25 -1.48 14.55
C PHE A 111 -18.23 -2.56 15.63
N TYR A 112 -17.96 -2.16 16.88
CA TYR A 112 -17.83 -3.14 17.95
C TYR A 112 -19.18 -3.69 18.38
N ILE A 113 -20.24 -2.88 18.33
CA ILE A 113 -21.58 -3.39 18.59
C ILE A 113 -21.91 -4.51 17.61
N VAL A 114 -21.63 -4.28 16.32
CA VAL A 114 -21.89 -5.31 15.31
C VAL A 114 -21.05 -6.54 15.58
N PHE A 115 -19.76 -6.35 15.83
CA PHE A 115 -18.87 -7.48 16.08
C PHE A 115 -19.39 -8.36 17.21
N PHE A 116 -19.66 -7.76 18.37
CA PHE A 116 -20.16 -8.55 19.49
C PHE A 116 -21.57 -9.05 19.23
N ALA A 117 -22.36 -8.33 18.44
CA ALA A 117 -23.70 -8.80 18.10
C ALA A 117 -23.64 -10.07 17.25
N LEU A 118 -22.72 -10.12 16.29
CA LEU A 118 -22.60 -11.30 15.44
C LEU A 118 -21.99 -12.47 16.21
N LEU A 119 -20.98 -12.21 17.04
CA LEU A 119 -20.41 -13.27 17.86
C LEU A 119 -21.47 -13.87 18.77
N LYS A 120 -22.33 -13.03 19.35
CA LYS A 120 -23.40 -13.53 20.21
C LYS A 120 -24.38 -14.40 19.43
N ALA A 121 -24.73 -13.98 18.21
CA ALA A 121 -25.72 -14.69 17.41
C ALA A 121 -25.17 -15.92 16.71
N GLY A 122 -23.86 -16.17 16.80
CA GLY A 122 -23.26 -17.32 16.16
C GLY A 122 -22.99 -17.16 14.68
N VAL A 123 -23.01 -15.94 14.17
CA VAL A 123 -22.72 -15.68 12.76
C VAL A 123 -21.23 -15.40 12.60
N VAL A 124 -20.58 -16.14 11.73
CA VAL A 124 -19.15 -15.95 11.46
C VAL A 124 -18.99 -14.73 10.56
N VAL A 125 -18.32 -13.70 11.07
CA VAL A 125 -18.20 -12.43 10.37
C VAL A 125 -16.82 -12.31 9.76
N LEU A 126 -16.76 -11.76 8.55
CA LEU A 126 -15.52 -11.27 7.95
C LEU A 126 -15.61 -9.75 7.91
N ASN A 127 -14.63 -9.10 8.52
CA ASN A 127 -14.58 -7.63 8.58
C ASN A 127 -13.62 -7.14 7.50
N ALA A 128 -14.17 -6.58 6.43
CA ALA A 128 -13.34 -5.96 5.41
C ALA A 128 -12.84 -4.60 5.91
N LEU A 129 -11.72 -4.17 5.34
CA LEU A 129 -11.21 -2.84 5.64
C LEU A 129 -12.09 -1.78 4.97
N TYR A 130 -12.31 -0.68 5.68
CA TYR A 130 -13.11 0.40 5.12
C TYR A 130 -12.50 0.99 3.86
N SER A 131 -11.24 0.66 3.56
CA SER A 131 -10.58 1.10 2.33
C SER A 131 -10.70 0.10 1.20
N HIS A 132 -11.29 -1.07 1.46
CA HIS A 132 -11.47 -2.07 0.41
C HIS A 132 -12.52 -1.60 -0.58
N ARG A 133 -12.25 -1.80 -1.87
CA ARG A 133 -13.14 -1.36 -2.94
C ARG A 133 -13.93 -2.54 -3.48
N GLN A 134 -14.58 -2.34 -4.63
CA GLN A 134 -15.55 -3.32 -5.12
C GLN A 134 -14.90 -4.68 -5.39
N TYR A 135 -13.69 -4.69 -5.94
CA TYR A 135 -13.05 -5.95 -6.29
C TYR A 135 -12.85 -6.83 -5.06
N GLU A 136 -12.32 -6.24 -3.98
CA GLU A 136 -12.05 -7.02 -2.77
C GLU A 136 -13.35 -7.52 -2.15
N LEU A 137 -14.32 -6.63 -1.96
CA LEU A 137 -15.60 -7.04 -1.41
C LEU A 137 -16.24 -8.13 -2.26
N ASN A 138 -16.08 -8.04 -3.58
CA ASN A 138 -16.63 -9.06 -4.46
C ASN A 138 -15.97 -10.42 -4.21
N ALA A 139 -14.65 -10.44 -4.07
CA ALA A 139 -13.95 -11.70 -3.80
C ALA A 139 -14.35 -12.29 -2.46
N PHE A 140 -14.63 -11.44 -1.47
CA PHE A 140 -15.06 -11.95 -0.17
C PHE A 140 -16.45 -12.57 -0.26
N ILE A 141 -17.37 -11.93 -0.99
CA ILE A 141 -18.72 -12.45 -1.10
C ILE A 141 -18.73 -13.78 -1.84
N LYS A 142 -17.98 -13.87 -2.94
CA LYS A 142 -17.88 -15.12 -3.67
C LYS A 142 -17.29 -16.24 -2.82
N GLN A 143 -16.61 -15.90 -1.73
CA GLN A 143 -15.91 -16.87 -0.90
C GLN A 143 -16.72 -17.34 0.31
N ILE A 144 -17.38 -16.42 1.02
CA ILE A 144 -18.13 -16.79 2.21
C ILE A 144 -19.64 -16.78 1.98
N GLN A 145 -20.10 -16.29 0.84
CA GLN A 145 -21.52 -16.26 0.47
C GLN A 145 -22.36 -15.79 1.66
N PRO A 146 -22.16 -14.57 2.13
CA PRO A 146 -22.83 -14.14 3.36
C PRO A 146 -24.32 -13.96 3.16
N LYS A 147 -25.08 -14.19 4.22
CA LYS A 147 -26.50 -13.90 4.25
C LYS A 147 -26.80 -12.53 4.82
N LEU A 148 -25.80 -11.84 5.36
CA LEU A 148 -25.96 -10.52 5.94
C LEU A 148 -24.85 -9.61 5.44
N LEU A 149 -25.20 -8.37 5.11
CA LEU A 149 -24.25 -7.38 4.63
C LEU A 149 -24.49 -6.08 5.38
N ILE A 150 -23.46 -5.60 6.08
CA ILE A 150 -23.51 -4.35 6.82
C ILE A 150 -22.45 -3.42 6.26
N GLY A 151 -22.87 -2.25 5.80
CA GLY A 151 -21.96 -1.28 5.23
C GLY A 151 -22.42 0.15 5.46
N SER A 152 -21.71 1.11 4.86
CA SER A 152 -22.00 2.53 5.06
C SER A 152 -22.44 3.14 3.73
N ARG A 153 -23.54 3.89 3.78
CA ARG A 153 -23.97 4.64 2.61
C ARG A 153 -22.96 5.71 2.22
N GLN A 154 -22.09 6.12 3.14
CA GLN A 154 -21.05 7.09 2.86
C GLN A 154 -19.85 6.47 2.14
N HIS A 155 -19.78 5.15 2.08
CA HIS A 155 -18.71 4.48 1.34
C HIS A 155 -18.94 4.63 -0.16
N GLU A 156 -17.85 4.76 -0.91
CA GLU A 156 -17.96 4.93 -2.35
C GLU A 156 -18.74 3.79 -2.99
N VAL A 157 -18.59 2.57 -2.47
CA VAL A 157 -19.21 1.41 -3.08
C VAL A 157 -20.73 1.42 -2.86
N PHE A 158 -21.20 2.03 -1.77
CA PHE A 158 -22.62 2.08 -1.48
C PHE A 158 -23.19 3.49 -1.63
N SER A 159 -22.48 4.37 -2.35
CA SER A 159 -23.05 5.68 -2.67
C SER A 159 -24.24 5.54 -3.61
N ASN A 160 -24.15 4.62 -4.57
CA ASN A 160 -25.24 4.28 -5.47
C ASN A 160 -25.73 2.87 -5.12
N ASN A 161 -26.40 2.22 -6.08
CA ASN A 161 -26.88 0.86 -5.91
C ASN A 161 -26.32 -0.08 -6.98
N GLN A 162 -25.23 0.30 -7.64
CA GLN A 162 -24.67 -0.56 -8.68
C GLN A 162 -24.09 -1.84 -8.09
N PHE A 163 -23.31 -1.72 -7.01
CA PHE A 163 -22.69 -2.89 -6.41
C PHE A 163 -23.73 -3.84 -5.85
N ILE A 164 -24.64 -3.32 -5.03
CA ILE A 164 -25.70 -4.16 -4.46
C ILE A 164 -26.53 -4.80 -5.56
N ASP A 165 -26.71 -4.10 -6.68
CA ASP A 165 -27.52 -4.64 -7.76
C ASP A 165 -26.78 -5.75 -8.51
N SER A 166 -25.49 -5.58 -8.77
CA SER A 166 -24.74 -6.59 -9.49
C SER A 166 -24.72 -7.92 -8.76
N LEU A 167 -24.98 -7.91 -7.44
CA LEU A 167 -24.99 -9.17 -6.71
C LEU A 167 -26.21 -10.01 -7.08
N HIS A 168 -27.32 -9.37 -7.41
CA HIS A 168 -28.52 -10.13 -7.75
CA HIS A 168 -28.52 -10.13 -7.75
C HIS A 168 -28.33 -10.95 -9.03
N ASP A 169 -27.57 -10.41 -9.99
CA ASP A 169 -27.37 -11.11 -11.25
C ASP A 169 -26.66 -12.43 -11.06
N VAL A 170 -25.89 -12.57 -9.98
CA VAL A 170 -25.10 -13.77 -9.75
C VAL A 170 -25.57 -14.49 -8.49
N ASN A 171 -26.88 -14.37 -8.18
CA ASN A 171 -27.49 -14.99 -7.00
C ASN A 171 -26.54 -14.98 -5.81
N LEU A 172 -25.90 -13.84 -5.61
CA LEU A 172 -25.05 -13.61 -4.45
C LEU A 172 -25.62 -12.51 -3.57
N SER A 173 -26.77 -11.95 -3.92
CA SER A 173 -27.39 -10.90 -3.12
C SER A 173 -27.72 -11.43 -1.72
N PRO A 174 -27.43 -10.68 -0.67
CA PRO A 174 -27.71 -11.17 0.69
C PRO A 174 -29.19 -11.10 1.01
N GLU A 175 -29.57 -11.84 2.04
CA GLU A 175 -30.96 -11.84 2.51
C GLU A 175 -31.29 -10.64 3.38
N ILE A 176 -30.29 -10.02 4.00
CA ILE A 176 -30.49 -8.85 4.85
C ILE A 176 -29.33 -7.89 4.61
N ILE A 177 -29.64 -6.66 4.24
CA ILE A 177 -28.64 -5.61 4.04
C ILE A 177 -28.98 -4.47 4.99
N LEU A 178 -28.06 -4.17 5.90
CA LEU A 178 -28.19 -3.05 6.83
C LEU A 178 -27.21 -1.96 6.44
N MET A 179 -27.67 -0.70 6.52
CA MET A 179 -26.90 0.44 6.05
C MET A 179 -26.70 1.44 7.18
N LEU A 180 -25.44 1.81 7.41
CA LEU A 180 -25.13 2.95 8.27
C LEU A 180 -25.23 4.23 7.47
N ASN A 181 -25.72 5.29 8.11
CA ASN A 181 -26.08 6.52 7.39
C ASN A 181 -27.10 6.21 6.30
N HIS A 182 -28.08 5.38 6.66
CA HIS A 182 -29.00 4.80 5.70
C HIS A 182 -29.91 5.85 5.07
N GLN A 183 -30.53 5.48 3.96
CA GLN A 183 -31.59 6.24 3.33
C GLN A 183 -32.95 5.69 3.78
N ALA A 184 -34.00 6.42 3.46
CA ALA A 184 -35.33 6.05 3.91
C ALA A 184 -35.68 4.62 3.52
N THR A 185 -35.36 4.22 2.29
CA THR A 185 -35.67 2.87 1.85
C THR A 185 -34.82 1.83 2.58
N ASP A 186 -33.53 2.11 2.72
CA ASP A 186 -32.61 1.14 3.32
C ASP A 186 -33.06 0.76 4.73
N PHE A 187 -32.53 -0.38 5.20
CA PHE A 187 -32.69 -0.78 6.59
C PHE A 187 -31.65 -0.07 7.43
N GLY A 188 -32.09 0.74 8.39
CA GLY A 188 -31.18 1.54 9.18
C GLY A 188 -30.46 0.69 10.21
N LEU A 189 -29.14 0.61 10.12
CA LEU A 189 -28.37 -0.16 11.10
C LEU A 189 -28.64 0.34 12.52
N LEU A 190 -28.69 1.66 12.70
CA LEU A 190 -28.97 2.21 14.03
C LEU A 190 -30.37 1.86 14.49
N ASP A 191 -31.31 1.65 13.56
CA ASP A 191 -32.66 1.26 13.95
C ASP A 191 -32.68 -0.16 14.52
N TRP A 192 -31.92 -1.07 13.91
CA TRP A 192 -31.84 -2.44 14.41
C TRP A 192 -31.03 -2.54 15.70
N ILE A 193 -30.29 -1.50 16.07
CA ILE A 193 -29.49 -1.52 17.29
C ILE A 193 -30.26 -0.94 18.46
N GLU A 194 -31.09 0.07 18.22
CA GLU A 194 -31.78 0.77 19.30
C GLU A 194 -32.77 -0.16 20.01
N THR A 195 -33.69 -0.74 19.26
CA THR A 195 -34.74 -1.54 19.89
C THR A 195 -34.59 -3.02 19.54
N PRO A 196 -34.79 -3.92 20.50
CA PRO A 196 -34.71 -5.36 20.20
C PRO A 196 -35.92 -5.83 19.40
N ALA A 197 -35.94 -7.11 19.06
CA ALA A 197 -37.04 -7.67 18.28
C ALA A 197 -38.25 -7.97 19.17
N GLU A 198 -39.42 -8.01 18.55
CA GLU A 198 -40.65 -8.25 19.28
C GLU A 198 -40.78 -9.72 19.67
N THR A 199 -40.53 -10.63 18.72
CA THR A 199 -40.63 -12.06 18.97
C THR A 199 -39.32 -12.61 19.48
N PHE A 200 -39.40 -13.62 20.35
CA PHE A 200 -38.22 -14.22 20.95
C PHE A 200 -37.74 -15.39 20.09
N VAL A 201 -36.43 -15.43 19.84
CA VAL A 201 -35.78 -16.56 19.20
C VAL A 201 -34.47 -16.82 19.92
N ASP A 202 -34.19 -18.09 20.21
CA ASP A 202 -32.96 -18.43 20.89
C ASP A 202 -31.77 -18.32 19.95
N PHE A 203 -30.62 -17.95 20.50
CA PHE A 203 -29.40 -17.83 19.72
C PHE A 203 -28.20 -18.03 20.63
N SER A 204 -27.09 -18.48 20.05
CA SER A 204 -25.88 -18.76 20.82
C SER A 204 -24.67 -18.61 19.91
N SER A 205 -23.53 -18.34 20.53
CA SER A 205 -22.27 -18.31 19.81
C SER A 205 -21.95 -19.70 19.25
N THR A 206 -21.01 -19.73 18.32
CA THR A 206 -20.48 -21.00 17.87
C THR A 206 -19.61 -21.61 18.96
N PRO A 207 -19.38 -22.92 18.91
CA PRO A 207 -18.54 -23.56 19.94
C PRO A 207 -17.18 -22.90 20.04
N ALA A 208 -16.63 -22.90 21.26
CA ALA A 208 -15.38 -22.20 21.52
C ALA A 208 -14.26 -22.70 20.62
N ASP A 209 -14.20 -24.00 20.37
CA ASP A 209 -13.18 -24.58 19.51
C ASP A 209 -13.59 -24.63 18.05
N GLU A 210 -14.57 -23.81 17.66
CA GLU A 210 -14.98 -23.67 16.27
C GLU A 210 -14.75 -22.23 15.82
N VAL A 211 -14.86 -22.01 14.51
CA VAL A 211 -14.54 -20.69 13.96
C VAL A 211 -15.48 -19.64 14.53
N ALA A 212 -14.90 -18.53 14.95
CA ALA A 212 -15.67 -17.37 15.41
C ALA A 212 -15.80 -16.29 14.34
N PHE A 213 -14.74 -16.01 13.60
CA PHE A 213 -14.79 -15.03 12.52
C PHE A 213 -13.56 -15.22 11.65
N PHE A 214 -13.50 -14.44 10.56
CA PHE A 214 -12.42 -14.53 9.59
C PHE A 214 -11.50 -13.32 9.73
N GLN A 215 -10.20 -13.58 9.75
CA GLN A 215 -9.20 -12.53 9.65
C GLN A 215 -8.65 -12.47 8.23
N LEU A 216 -7.98 -11.37 7.92
CA LEU A 216 -7.47 -11.11 6.57
C LEU A 216 -5.96 -11.10 6.59
N SER A 217 -5.34 -11.89 5.71
CA SER A 217 -3.90 -11.95 5.62
C SER A 217 -3.34 -10.63 5.08
N GLY A 218 -2.12 -10.32 5.48
CA GLY A 218 -1.42 -9.13 5.00
C GLY A 218 -0.19 -9.54 4.22
N GLY A 219 0.11 -8.78 3.17
CA GLY A 219 1.18 -9.11 2.25
C GLY A 219 0.79 -10.08 1.16
N SER A 220 -0.48 -10.46 1.08
CA SER A 220 -0.93 -11.38 0.03
C SER A 220 -0.84 -10.71 -1.33
N THR A 221 -0.31 -11.43 -2.31
CA THR A 221 -0.17 -10.90 -3.66
C THR A 221 -1.50 -10.39 -4.18
N GLY A 222 -2.48 -11.28 -4.29
CA GLY A 222 -3.82 -10.90 -4.72
C GLY A 222 -4.65 -10.36 -3.58
N THR A 223 -5.95 -10.63 -3.64
CA THR A 223 -6.83 -10.23 -2.55
C THR A 223 -6.41 -10.93 -1.25
N PRO A 224 -6.64 -10.31 -0.11
CA PRO A 224 -6.27 -10.96 1.16
C PRO A 224 -6.94 -12.31 1.31
N LYS A 225 -6.17 -13.29 1.79
CA LYS A 225 -6.70 -14.61 2.03
C LYS A 225 -7.38 -14.68 3.39
N LEU A 226 -8.32 -15.61 3.52
CA LEU A 226 -9.15 -15.72 4.71
C LEU A 226 -8.48 -16.62 5.75
N ILE A 227 -8.42 -16.13 6.99
CA ILE A 227 -7.82 -16.89 8.10
C ILE A 227 -8.90 -17.16 9.13
N PRO A 228 -9.31 -18.42 9.32
CA PRO A 228 -10.30 -18.72 10.36
C PRO A 228 -9.68 -18.61 11.75
N ARG A 229 -10.34 -17.84 12.62
CA ARG A 229 -9.93 -17.69 14.01
C ARG A 229 -11.03 -18.24 14.90
N THR A 230 -10.66 -19.17 15.78
CA THR A 230 -11.61 -19.74 16.73
C THR A 230 -11.59 -18.93 18.03
N HIS A 231 -12.67 -19.06 18.80
CA HIS A 231 -12.73 -18.40 20.10
C HIS A 231 -11.54 -18.78 20.97
N ASN A 232 -11.25 -20.08 21.05
CA ASN A 232 -10.16 -20.56 21.87
C ASN A 232 -8.86 -19.81 21.60
N ASP A 233 -8.43 -19.80 20.34
CA ASP A 233 -7.10 -19.26 20.03
C ASP A 233 -7.08 -17.74 20.07
N TYR A 234 -8.10 -17.09 19.52
CA TYR A 234 -8.11 -15.63 19.49
C TYR A 234 -8.17 -15.06 20.90
N ASP A 235 -9.06 -15.60 21.74
CA ASP A 235 -9.13 -15.15 23.13
C ASP A 235 -7.76 -15.25 23.81
N TYR A 236 -7.04 -16.35 23.56
CA TYR A 236 -5.73 -16.51 24.18
C TYR A 236 -4.78 -15.38 23.77
N SER A 237 -4.65 -15.15 22.47
CA SER A 237 -3.78 -14.07 22.01
C SER A 237 -4.19 -12.73 22.61
N VAL A 238 -5.51 -12.52 22.75
CA VAL A 238 -5.99 -11.30 23.41
C VAL A 238 -5.53 -11.26 24.86
N ARG A 239 -5.79 -12.33 25.60
CA ARG A 239 -5.45 -12.35 27.03
C ARG A 239 -3.96 -12.26 27.25
N ALA A 240 -3.16 -12.94 26.43
CA ALA A 240 -1.71 -12.88 26.60
C ALA A 240 -1.16 -11.52 26.19
N SER A 241 -1.62 -10.99 25.05
CA SER A 241 -1.21 -9.65 24.64
C SER A 241 -1.48 -8.63 25.74
N ALA A 242 -2.64 -8.75 26.40
CA ALA A 242 -2.99 -7.80 27.46
C ALA A 242 -2.00 -7.88 28.62
N GLU A 243 -1.55 -9.07 28.96
CA GLU A 243 -0.60 -9.21 30.06
C GLU A 243 0.74 -8.58 29.71
N ILE A 244 1.29 -8.90 28.53
CA ILE A 244 2.62 -8.43 28.17
C ILE A 244 2.63 -6.94 27.93
N CYS A 245 1.51 -6.36 27.49
CA CYS A 245 1.41 -4.93 27.23
C CYS A 245 0.93 -4.14 28.43
N GLY A 246 0.63 -4.79 29.55
CA GLY A 246 0.37 -4.09 30.78
C GLY A 246 -0.97 -3.41 30.91
N LEU A 247 -1.95 -3.75 30.07
CA LEU A 247 -3.24 -3.10 30.14
C LEU A 247 -3.89 -3.32 31.51
N ASN A 248 -4.76 -2.39 31.88
CA ASN A 248 -5.51 -2.47 33.13
C ASN A 248 -6.77 -1.63 32.99
N SER A 249 -7.54 -1.54 34.08
CA SER A 249 -8.82 -0.84 34.04
C SER A 249 -8.67 0.66 33.83
N ASN A 250 -7.45 1.20 33.85
CA ASN A 250 -7.22 2.62 33.61
C ASN A 250 -6.68 2.89 32.21
N THR A 251 -6.47 1.85 31.40
CA THR A 251 -5.95 2.03 30.05
C THR A 251 -7.00 2.67 29.16
N ARG A 252 -6.67 3.81 28.57
CA ARG A 252 -7.48 4.45 27.54
C ARG A 252 -6.68 4.37 26.25
N LEU A 253 -7.06 3.45 25.37
CA LEU A 253 -6.30 3.13 24.17
C LEU A 253 -6.94 3.83 22.97
N LEU A 254 -6.14 4.61 22.26
CA LEU A 254 -6.60 5.26 21.04
C LEU A 254 -6.61 4.25 19.89
N CYS A 255 -7.76 4.16 19.22
CA CYS A 255 -7.91 3.27 18.06
CA CYS A 255 -7.91 3.28 18.05
C CYS A 255 -7.90 4.16 16.81
N ALA A 256 -6.70 4.48 16.34
CA ALA A 256 -6.52 5.30 15.14
C ALA A 256 -6.24 4.46 13.89
N LEU A 257 -5.73 3.25 14.06
CA LEU A 257 -5.54 2.34 12.94
C LEU A 257 -6.89 1.74 12.54
N PRO A 258 -6.95 1.04 11.42
CA PRO A 258 -8.22 0.42 11.00
C PRO A 258 -8.69 -0.61 12.02
N ALA A 259 -9.91 -0.42 12.50
CA ALA A 259 -10.42 -1.24 13.60
C ALA A 259 -10.36 -2.74 13.33
N PRO A 260 -10.69 -3.24 12.14
CA PRO A 260 -10.69 -4.71 11.95
C PRO A 260 -9.30 -5.32 11.94
N HIS A 261 -8.24 -4.53 11.74
CA HIS A 261 -6.91 -5.09 11.61
C HIS A 261 -6.49 -5.81 12.90
N ASN A 262 -5.84 -6.97 12.73
CA ASN A 262 -5.39 -7.75 13.87
C ASN A 262 -4.64 -6.89 14.88
N PHE A 263 -3.77 -6.01 14.39
CA PHE A 263 -2.99 -5.14 15.27
C PHE A 263 -3.90 -4.30 16.15
N MET A 264 -4.90 -3.65 15.55
CA MET A 264 -5.77 -2.76 16.30
C MET A 264 -6.84 -3.50 17.11
N LEU A 265 -7.01 -4.80 16.90
CA LEU A 265 -8.10 -5.54 17.50
C LEU A 265 -7.68 -6.52 18.59
N SER A 266 -6.50 -7.13 18.48
CA SER A 266 -6.18 -8.24 19.38
C SER A 266 -4.75 -8.29 19.89
N SER A 267 -3.86 -7.37 19.51
CA SER A 267 -2.45 -7.45 19.90
C SER A 267 -1.93 -6.07 20.27
N PRO A 268 -2.35 -5.53 21.43
CA PRO A 268 -3.41 -6.04 22.31
C PRO A 268 -4.77 -5.58 21.80
N GLY A 269 -4.82 -4.40 21.19
CA GLY A 269 -5.99 -3.92 20.50
C GLY A 269 -7.18 -3.64 21.42
N ALA A 270 -8.30 -3.33 20.78
CA ALA A 270 -9.52 -3.03 21.51
C ALA A 270 -9.97 -4.22 22.35
N LEU A 271 -9.88 -5.43 21.80
CA LEU A 271 -10.30 -6.61 22.55
C LEU A 271 -9.45 -6.78 23.81
N GLY A 272 -8.14 -6.54 23.70
CA GLY A 272 -7.29 -6.63 24.88
C GLY A 272 -7.63 -5.58 25.91
N VAL A 273 -7.94 -4.36 25.47
CA VAL A 273 -8.29 -3.30 26.40
C VAL A 273 -9.60 -3.62 27.11
N LEU A 274 -10.62 -4.00 26.34
CA LEU A 274 -11.89 -4.38 26.97
C LEU A 274 -11.70 -5.55 27.92
N HIS A 275 -10.89 -6.54 27.52
CA HIS A 275 -10.58 -7.65 28.42
C HIS A 275 -10.03 -7.15 29.75
N ALA A 276 -9.27 -6.06 29.73
CA ALA A 276 -8.69 -5.49 30.95
C ALA A 276 -9.60 -4.49 31.64
N GLY A 277 -10.82 -4.28 31.14
CA GLY A 277 -11.73 -3.33 31.74
C GLY A 277 -11.40 -1.88 31.45
N GLY A 278 -10.62 -1.61 30.43
CA GLY A 278 -10.23 -0.25 30.07
C GLY A 278 -11.24 0.43 29.15
N CYS A 279 -10.74 1.35 28.35
CA CYS A 279 -11.58 2.11 27.43
C CYS A 279 -10.90 2.24 26.07
N VAL A 280 -11.70 2.16 25.02
CA VAL A 280 -11.24 2.36 23.65
C VAL A 280 -11.71 3.73 23.19
N VAL A 281 -10.80 4.51 22.63
CA VAL A 281 -11.09 5.86 22.14
C VAL A 281 -10.97 5.84 20.62
N MET A 282 -12.08 6.10 19.93
CA MET A 282 -12.12 6.03 18.48
C MET A 282 -11.49 7.26 17.86
N ALA A 283 -10.74 7.05 16.77
CA ALA A 283 -10.23 8.12 15.94
C ALA A 283 -10.43 7.74 14.48
N PRO A 284 -10.87 8.68 13.64
CA PRO A 284 -11.10 8.32 12.22
C PRO A 284 -9.85 7.77 11.55
N ASN A 285 -8.69 8.37 11.83
CA ASN A 285 -7.42 7.94 11.27
C ASN A 285 -6.28 8.50 12.10
N PRO A 286 -5.03 8.21 11.77
CA PRO A 286 -3.92 8.70 12.59
C PRO A 286 -3.45 10.10 12.22
N GLU A 287 -4.36 10.93 11.71
CA GLU A 287 -4.03 12.31 11.40
C GLU A 287 -3.49 13.00 12.65
N PRO A 288 -2.27 13.51 12.64
CA PRO A 288 -1.67 14.04 13.89
C PRO A 288 -2.55 15.05 14.62
N LEU A 289 -3.06 16.06 13.93
CA LEU A 289 -3.77 17.14 14.62
C LEU A 289 -5.06 16.64 15.26
N ASN A 290 -5.84 15.85 14.51
CA ASN A 290 -7.06 15.29 15.10
C ASN A 290 -6.73 14.31 16.22
N CYS A 291 -5.78 13.40 15.97
CA CYS A 291 -5.36 12.46 17.00
C CYS A 291 -4.91 13.19 18.25
N PHE A 292 -4.11 14.25 18.09
CA PHE A 292 -3.61 14.99 19.24
C PHE A 292 -4.75 15.60 20.03
N SER A 293 -5.76 16.14 19.34
CA SER A 293 -6.89 16.75 20.04
C SER A 293 -7.68 15.71 20.82
N ILE A 294 -7.94 14.55 20.20
CA ILE A 294 -8.64 13.48 20.91
C ILE A 294 -7.81 13.03 22.11
N ILE A 295 -6.50 12.93 21.94
CA ILE A 295 -5.63 12.47 23.03
C ILE A 295 -5.72 13.41 24.23
N GLN A 296 -5.79 14.72 23.98
CA GLN A 296 -5.90 15.68 25.06
C GLN A 296 -7.30 15.66 25.68
N ARG A 297 -8.33 15.57 24.82
CA ARG A 297 -9.71 15.63 25.32
C ARG A 297 -9.99 14.50 26.30
N HIS A 298 -9.71 13.27 25.91
CA HIS A 298 -10.03 12.10 26.71
C HIS A 298 -8.84 11.55 27.48
N GLN A 299 -7.73 12.29 27.53
CA GLN A 299 -6.55 11.87 28.28
C GLN A 299 -6.10 10.46 27.89
N VAL A 300 -6.08 10.20 26.58
CA VAL A 300 -5.58 8.92 26.08
C VAL A 300 -4.19 8.68 26.63
N ASN A 301 -3.97 7.50 27.21
CA ASN A 301 -2.68 7.16 27.78
C ASN A 301 -1.99 6.02 27.05
N MET A 302 -2.53 5.58 25.91
CA MET A 302 -1.87 4.52 25.14
C MET A 302 -2.35 4.58 23.70
N ALA A 303 -1.51 4.09 22.80
CA ALA A 303 -1.81 4.12 21.38
C ALA A 303 -0.96 3.08 20.66
N SER A 304 -1.42 2.69 19.48
CA SER A 304 -0.77 1.66 18.67
C SER A 304 -0.68 2.17 17.23
N LEU A 305 0.53 2.15 16.67
CA LEU A 305 0.77 2.77 15.38
C LEU A 305 1.73 1.94 14.54
N VAL A 306 1.67 2.15 13.24
CA VAL A 306 2.62 1.59 12.29
C VAL A 306 3.71 2.63 12.04
N PRO A 307 4.92 2.23 11.64
CA PRO A 307 6.01 3.20 11.52
C PRO A 307 5.69 4.44 10.69
N SER A 308 4.89 4.29 9.63
CA SER A 308 4.59 5.45 8.79
C SER A 308 3.80 6.49 9.58
N ALA A 309 2.85 6.06 10.41
CA ALA A 309 2.08 7.00 11.22
C ALA A 309 2.94 7.62 12.33
N VAL A 310 3.89 6.85 12.87
CA VAL A 310 4.76 7.39 13.90
C VAL A 310 5.54 8.58 13.37
N ILE A 311 6.05 8.47 12.14
CA ILE A 311 6.80 9.58 11.54
C ILE A 311 5.91 10.81 11.41
N MET A 312 4.65 10.62 11.01
CA MET A 312 3.72 11.73 10.96
C MET A 312 3.59 12.40 12.32
N TRP A 313 3.45 11.60 13.38
CA TRP A 313 3.35 12.16 14.73
C TRP A 313 4.63 12.85 15.15
N LEU A 314 5.78 12.30 14.79
CA LEU A 314 7.05 12.91 15.16
C LEU A 314 7.20 14.29 14.56
N GLU A 315 6.70 14.49 13.35
CA GLU A 315 6.83 15.80 12.70
C GLU A 315 6.06 16.87 13.45
N LYS A 316 4.94 16.52 14.06
CA LYS A 316 4.04 17.49 14.69
C LYS A 316 4.22 17.57 16.21
N ALA A 317 4.92 16.62 16.82
CA ALA A 317 4.87 16.48 18.27
C ALA A 317 5.43 17.71 18.98
N ALA A 318 6.60 18.19 18.55
CA ALA A 318 7.25 19.29 19.25
C ALA A 318 6.31 20.47 19.44
N GLN A 319 5.53 20.81 18.40
CA GLN A 319 4.60 21.93 18.49
C GLN A 319 3.38 21.64 19.35
N TYR A 320 3.14 20.37 19.69
CA TYR A 320 1.95 20.00 20.44
C TYR A 320 2.29 19.09 21.62
N LYS A 321 3.46 19.32 22.23
CA LYS A 321 3.88 18.47 23.35
C LYS A 321 2.80 18.36 24.41
N ASP A 322 2.07 19.45 24.65
CA ASP A 322 1.12 19.48 25.76
C ASP A 322 -0.11 18.62 25.48
N GLN A 323 -0.60 18.62 24.23
CA GLN A 323 -1.79 17.85 23.91
C GLN A 323 -1.58 16.35 24.05
N ILE A 324 -0.33 15.88 23.96
CA ILE A 324 -0.03 14.46 23.99
C ILE A 324 0.75 14.06 25.24
N GLN A 325 0.79 14.92 26.26
CA GLN A 325 1.50 14.59 27.48
C GLN A 325 1.03 13.26 28.07
N SER A 326 -0.28 13.01 28.04
CA SER A 326 -0.86 11.88 28.75
C SER A 326 -0.46 10.53 28.15
N LEU A 327 0.09 10.50 26.95
CA LEU A 327 0.55 9.24 26.38
C LEU A 327 1.57 8.59 27.30
N LYS A 328 1.37 7.30 27.58
CA LYS A 328 2.27 6.55 28.44
C LYS A 328 3.00 5.42 27.74
N LEU A 329 2.41 4.83 26.69
CA LEU A 329 3.02 3.70 26.02
C LEU A 329 2.57 3.69 24.56
N LEU A 330 3.50 3.44 23.65
CA LEU A 330 3.23 3.38 22.22
C LEU A 330 3.65 2.02 21.69
N GLN A 331 2.72 1.33 21.05
CA GLN A 331 3.02 0.12 20.30
C GLN A 331 3.36 0.49 18.87
N VAL A 332 4.51 0.01 18.40
CA VAL A 332 4.93 0.22 17.02
C VAL A 332 5.26 -1.14 16.42
N GLY A 333 4.61 -1.45 15.29
CA GLY A 333 4.91 -2.67 14.56
C GLY A 333 4.32 -2.57 13.16
N GLY A 334 4.64 -3.58 12.35
CA GLY A 334 4.05 -3.71 11.04
C GLY A 334 4.90 -3.24 9.88
N ALA A 335 6.12 -2.79 10.13
CA ALA A 335 7.00 -2.33 9.05
C ALA A 335 8.40 -2.14 9.63
N SER A 336 9.31 -1.67 8.78
CA SER A 336 10.66 -1.37 9.23
C SER A 336 10.66 -0.19 10.20
N PHE A 337 11.32 -0.37 11.34
CA PHE A 337 11.42 0.67 12.37
C PHE A 337 12.88 0.75 12.79
N PRO A 338 13.71 1.47 12.04
CA PRO A 338 15.14 1.53 12.36
C PRO A 338 15.38 2.10 13.75
N GLU A 339 16.51 1.69 14.35
CA GLU A 339 16.82 2.09 15.71
C GLU A 339 16.88 3.61 15.85
N SER A 340 17.28 4.32 14.78
CA SER A 340 17.31 5.78 14.85
C SER A 340 15.92 6.36 15.04
N LEU A 341 14.90 5.73 14.45
CA LEU A 341 13.54 6.18 14.65
C LEU A 341 13.02 5.78 16.03
N ALA A 342 13.32 4.55 16.46
CA ALA A 342 12.86 4.07 17.75
C ALA A 342 13.25 5.05 18.87
N ARG A 343 14.51 5.48 18.87
CA ARG A 343 15.00 6.34 19.94
C ARG A 343 14.28 7.68 20.00
N GLN A 344 13.60 8.08 18.93
CA GLN A 344 12.89 9.35 18.92
C GLN A 344 11.54 9.29 19.64
N VAL A 345 10.95 8.10 19.75
CA VAL A 345 9.62 7.95 20.35
C VAL A 345 9.64 8.50 21.77
N PRO A 346 10.47 7.95 22.67
CA PRO A 346 10.50 8.50 24.03
C PRO A 346 10.90 9.96 24.08
N GLU A 347 11.86 10.37 23.24
CA GLU A 347 12.38 11.74 23.31
C GLU A 347 11.34 12.76 22.88
N VAL A 348 10.66 12.51 21.76
CA VAL A 348 9.75 13.50 21.19
C VAL A 348 8.32 13.27 21.65
N LEU A 349 7.85 12.03 21.66
CA LEU A 349 6.47 11.74 22.05
C LEU A 349 6.30 11.59 23.55
N ASN A 350 7.38 11.62 24.33
CA ASN A 350 7.33 11.61 25.79
C ASN A 350 6.52 10.43 26.30
N CYS A 351 7.00 9.22 25.99
CA CYS A 351 6.27 8.02 26.33
C CYS A 351 7.17 6.80 26.10
N LYS A 352 6.81 5.70 26.76
CA LYS A 352 7.54 4.46 26.58
C LYS A 352 7.27 3.86 25.21
N LEU A 353 8.23 3.09 24.72
CA LEU A 353 8.13 2.42 23.43
C LEU A 353 8.06 0.92 23.63
N GLN A 354 7.15 0.27 22.90
CA GLN A 354 7.09 -1.18 22.84
C GLN A 354 7.08 -1.59 21.38
N GLN A 355 8.09 -2.36 20.98
CA GLN A 355 8.22 -2.78 19.59
C GLN A 355 7.58 -4.15 19.40
N GLY A 356 6.79 -4.28 18.33
CA GLY A 356 6.05 -5.50 18.09
C GLY A 356 6.19 -5.97 16.66
N PHE A 357 5.93 -7.26 16.47
CA PHE A 357 6.00 -7.89 15.15
C PHE A 357 5.02 -9.06 15.16
N GLY A 358 3.90 -8.89 14.47
CA GLY A 358 2.85 -9.89 14.47
C GLY A 358 2.36 -10.17 13.06
N MET A 359 1.38 -11.07 12.99
CA MET A 359 0.78 -11.47 11.72
C MET A 359 -0.61 -12.02 12.00
N ALA A 360 -1.55 -11.70 11.12
CA ALA A 360 -2.92 -12.17 11.29
C ALA A 360 -3.01 -13.69 11.33
N GLU A 361 -2.01 -14.39 10.78
CA GLU A 361 -2.01 -15.84 10.79
C GLU A 361 -1.78 -16.41 12.19
N GLY A 362 -1.21 -15.63 13.10
CA GLY A 362 -0.99 -16.11 14.46
C GLY A 362 0.11 -15.40 15.22
N LEU A 363 1.34 -15.87 15.07
CA LEU A 363 2.47 -15.42 15.88
C LEU A 363 2.46 -13.92 16.11
N VAL A 364 2.63 -13.52 17.36
CA VAL A 364 2.72 -12.12 17.76
C VAL A 364 3.93 -11.96 18.67
N ASN A 365 4.80 -11.01 18.34
CA ASN A 365 6.02 -10.77 19.11
C ASN A 365 5.98 -9.38 19.73
N TYR A 366 6.64 -9.24 20.87
CA TYR A 366 6.65 -7.98 21.60
C TYR A 366 7.90 -7.89 22.46
N THR A 367 8.48 -6.70 22.53
CA THR A 367 9.44 -6.43 23.59
C THR A 367 8.71 -6.31 24.92
N ARG A 368 9.31 -6.85 25.97
CA ARG A 368 8.69 -6.77 27.28
C ARG A 368 8.96 -5.41 27.91
N LEU A 369 8.00 -4.94 28.71
CA LEU A 369 8.10 -3.63 29.30
C LEU A 369 9.33 -3.49 30.20
N ASP A 370 9.94 -4.60 30.61
CA ASP A 370 11.13 -4.58 31.45
C ASP A 370 12.42 -4.84 30.69
N ASP A 371 12.35 -5.01 29.37
CA ASP A 371 13.54 -5.29 28.60
C ASP A 371 14.51 -4.11 28.65
N SER A 372 15.75 -4.37 28.25
CA SER A 372 16.76 -3.33 28.22
C SER A 372 16.49 -2.36 27.06
N ASP A 373 17.12 -1.19 27.15
CA ASP A 373 16.93 -0.19 26.09
C ASP A 373 17.50 -0.68 24.77
N GLU A 374 18.63 -1.40 24.80
CA GLU A 374 19.16 -1.99 23.59
C GLU A 374 18.16 -2.95 22.97
N GLN A 375 17.49 -3.75 23.81
CA GLN A 375 16.48 -4.68 23.31
C GLN A 375 15.30 -3.94 22.70
N ILE A 376 14.77 -2.95 23.42
CA ILE A 376 13.56 -2.26 22.97
C ILE A 376 13.82 -1.48 21.68
N PHE A 377 15.01 -0.90 21.55
CA PHE A 377 15.29 0.02 20.45
C PHE A 377 15.80 -0.67 19.19
N THR A 378 16.21 -1.94 19.26
CA THR A 378 16.83 -2.60 18.11
C THR A 378 16.29 -3.99 17.83
N THR A 379 15.27 -4.45 18.54
CA THR A 379 14.64 -5.73 18.25
C THR A 379 13.13 -5.56 18.32
N GLN A 380 12.41 -6.56 17.79
CA GLN A 380 10.96 -6.57 17.79
C GLN A 380 10.39 -7.50 18.84
N GLY A 381 11.21 -7.95 19.79
CA GLY A 381 10.71 -8.71 20.92
C GLY A 381 10.78 -10.22 20.76
N ARG A 382 9.89 -10.93 21.44
CA ARG A 382 9.87 -12.38 21.44
C ARG A 382 8.43 -12.84 21.58
N PRO A 383 8.15 -14.10 21.24
CA PRO A 383 6.75 -14.55 21.11
C PRO A 383 5.95 -14.35 22.39
N ILE A 384 4.65 -14.16 22.20
CA ILE A 384 3.73 -13.97 23.34
C ILE A 384 3.70 -15.21 24.22
N SER A 385 3.59 -16.38 23.61
CA SER A 385 3.42 -17.62 24.34
C SER A 385 4.74 -18.36 24.45
N SER A 386 4.99 -18.93 25.63
CA SER A 386 6.13 -19.82 25.83
C SER A 386 6.01 -21.10 25.03
N ASP A 387 4.83 -21.40 24.50
CA ASP A 387 4.61 -22.54 23.62
C ASP A 387 4.54 -22.14 22.15
N ASP A 388 4.94 -20.92 21.83
CA ASP A 388 5.18 -20.55 20.44
C ASP A 388 6.48 -21.18 19.97
N GLU A 389 6.38 -22.06 18.99
CA GLU A 389 7.56 -22.76 18.45
C GLU A 389 8.09 -22.00 17.24
N ILE A 390 9.38 -21.66 17.28
CA ILE A 390 10.01 -20.83 16.27
C ILE A 390 11.11 -21.63 15.60
N LYS A 391 11.15 -21.59 14.27
CA LYS A 391 12.20 -22.21 13.47
C LYS A 391 12.73 -21.19 12.47
N ILE A 392 14.04 -21.06 12.40
CA ILE A 392 14.70 -20.14 11.47
C ILE A 392 15.59 -20.99 10.56
N VAL A 393 15.24 -21.07 9.27
CA VAL A 393 15.82 -22.03 8.36
C VAL A 393 16.38 -21.31 7.14
N ASP A 394 17.08 -22.07 6.29
CA ASP A 394 17.63 -21.56 5.04
C ASP A 394 16.77 -22.05 3.87
N GLU A 395 17.30 -21.94 2.65
CA GLU A 395 16.61 -22.44 1.47
C GLU A 395 16.57 -23.96 1.43
N GLN A 396 17.60 -24.63 1.97
CA GLN A 396 17.60 -26.08 2.13
C GLN A 396 16.79 -26.51 3.35
N TYR A 397 15.88 -25.66 3.84
CA TYR A 397 14.96 -25.96 4.93
C TYR A 397 15.68 -26.71 6.05
N ARG A 398 16.75 -26.08 6.52
CA ARG A 398 17.59 -26.57 7.60
C ARG A 398 17.85 -25.42 8.57
N GLU A 399 17.91 -25.76 9.86
CA GLU A 399 18.10 -24.74 10.90
C GLU A 399 19.46 -24.07 10.74
N VAL A 400 19.45 -22.74 10.70
CA VAL A 400 20.67 -21.95 10.51
C VAL A 400 21.36 -21.77 11.87
N PRO A 401 22.68 -21.57 11.88
CA PRO A 401 23.36 -21.33 13.15
C PRO A 401 22.83 -20.07 13.82
N GLU A 402 22.65 -20.15 15.14
CA GLU A 402 22.14 -19.03 15.92
C GLU A 402 22.85 -17.74 15.53
N GLY A 403 22.07 -16.72 15.20
CA GLY A 403 22.61 -15.44 14.79
C GLY A 403 22.39 -15.12 13.33
N GLU A 404 22.52 -16.14 12.47
CA GLU A 404 22.38 -15.93 11.04
C GLU A 404 20.94 -15.61 10.68
N ILE A 405 20.76 -15.05 9.49
CA ILE A 405 19.45 -14.68 8.97
C ILE A 405 18.83 -15.90 8.30
N GLY A 406 17.51 -16.04 8.43
CA GLY A 406 16.83 -17.19 7.85
C GLY A 406 15.34 -16.98 7.77
N MET A 407 14.66 -17.99 7.24
CA MET A 407 13.22 -17.94 7.08
C MET A 407 12.53 -18.34 8.38
N LEU A 408 11.44 -17.64 8.71
CA LEU A 408 10.73 -17.86 9.96
C LEU A 408 9.61 -18.88 9.75
N ALA A 409 9.66 -19.97 10.52
CA ALA A 409 8.59 -20.95 10.58
C ALA A 409 8.12 -21.07 12.03
N THR A 410 6.81 -21.09 12.23
CA THR A 410 6.25 -21.05 13.58
C THR A 410 4.98 -21.91 13.65
N ARG A 411 4.67 -22.34 14.87
CA ARG A 411 3.40 -22.97 15.18
C ARG A 411 3.18 -22.85 16.68
N GLY A 412 1.94 -22.57 17.08
CA GLY A 412 1.63 -22.35 18.47
C GLY A 412 0.15 -22.42 18.79
N PRO A 413 -0.22 -22.04 20.01
CA PRO A 413 -1.62 -22.15 20.45
C PRO A 413 -2.56 -21.12 19.83
N TYR A 414 -2.06 -20.17 19.05
CA TYR A 414 -2.92 -19.22 18.38
C TYR A 414 -2.53 -19.01 16.92
N THR A 415 -1.74 -19.93 16.35
CA THR A 415 -1.33 -19.87 14.96
C THR A 415 -2.24 -20.79 14.14
N PHE A 416 -2.87 -20.23 13.12
CA PHE A 416 -3.82 -20.99 12.32
C PHE A 416 -3.14 -22.22 11.71
N CYS A 417 -3.97 -23.13 11.20
CA CYS A 417 -3.49 -24.37 10.61
C CYS A 417 -3.75 -24.46 9.12
N GLY A 418 -4.17 -23.38 8.49
CA GLY A 418 -4.41 -23.36 7.05
C GLY A 418 -5.44 -22.32 6.69
N TYR A 419 -5.32 -21.80 5.47
CA TYR A 419 -6.25 -20.80 4.98
C TYR A 419 -7.60 -21.44 4.65
N TYR A 420 -8.63 -20.60 4.64
CA TYR A 420 -9.98 -21.08 4.36
C TYR A 420 -10.09 -21.61 2.93
N GLN A 421 -10.41 -22.89 2.79
CA GLN A 421 -10.70 -23.50 1.49
C GLN A 421 -9.56 -23.27 0.50
N SER A 422 -8.32 -23.52 0.96
CA SER A 422 -7.12 -23.24 0.18
C SER A 422 -6.14 -24.40 0.29
N PRO A 423 -6.57 -25.62 -0.01
CA PRO A 423 -5.68 -26.78 0.18
C PRO A 423 -4.42 -26.73 -0.65
N GLU A 424 -4.46 -26.14 -1.84
CA GLU A 424 -3.24 -26.03 -2.65
C GLU A 424 -2.24 -25.09 -2.00
N HIS A 425 -2.66 -23.87 -1.67
CA HIS A 425 -1.78 -22.91 -1.02
C HIS A 425 -1.23 -23.47 0.30
N ASN A 426 -2.09 -24.09 1.10
CA ASN A 426 -1.71 -24.48 2.45
C ASN A 426 -0.54 -25.47 2.43
N SER A 427 -0.55 -26.40 1.48
CA SER A 427 0.56 -27.35 1.37
C SER A 427 1.87 -26.68 0.96
N GLN A 428 1.83 -25.42 0.51
CA GLN A 428 3.02 -24.71 0.12
C GLN A 428 3.65 -23.93 1.28
N VAL A 429 2.83 -23.47 2.22
CA VAL A 429 3.31 -22.65 3.34
C VAL A 429 3.37 -23.43 4.65
N PHE A 430 2.87 -24.65 4.70
CA PHE A 430 2.94 -25.51 5.88
C PHE A 430 3.76 -26.74 5.56
N ASP A 431 4.70 -27.09 6.43
CA ASP A 431 5.53 -28.27 6.26
C ASP A 431 4.94 -29.46 7.03
N GLU A 432 5.59 -30.62 6.90
CA GLU A 432 5.03 -31.86 7.44
C GLU A 432 4.69 -31.72 8.92
N ASP A 433 5.54 -31.06 9.69
CA ASP A 433 5.30 -30.84 11.11
C ASP A 433 4.31 -29.72 11.37
N ASN A 434 3.73 -29.16 10.31
CA ASN A 434 2.70 -28.13 10.42
C ASN A 434 3.26 -26.80 10.96
N TYR A 435 4.54 -26.56 10.73
CA TYR A 435 5.07 -25.20 10.89
C TYR A 435 4.56 -24.33 9.76
N TYR A 436 4.19 -23.10 10.10
CA TYR A 436 3.75 -22.12 9.11
C TYR A 436 4.94 -21.23 8.73
N TYR A 437 5.16 -21.07 7.43
CA TYR A 437 6.28 -20.28 6.92
C TYR A 437 5.74 -18.90 6.56
N SER A 438 6.04 -17.92 7.41
CA SER A 438 5.49 -16.58 7.26
C SER A 438 6.05 -15.86 6.03
N GLY A 439 7.18 -16.30 5.50
CA GLY A 439 7.88 -15.56 4.49
C GLY A 439 8.74 -14.44 5.02
N ASP A 440 8.77 -14.23 6.33
CA ASP A 440 9.57 -13.18 6.94
C ASP A 440 10.99 -13.68 7.22
N LEU A 441 11.96 -12.84 6.91
CA LEU A 441 13.35 -13.12 7.24
C LEU A 441 13.68 -12.49 8.60
N VAL A 442 14.37 -13.27 9.45
CA VAL A 442 14.61 -12.89 10.83
C VAL A 442 15.96 -13.43 11.26
N GLN A 443 16.42 -12.96 12.42
CA GLN A 443 17.57 -13.51 13.12
C GLN A 443 17.31 -13.39 14.62
N ARG A 444 17.82 -14.36 15.38
CA ARG A 444 17.65 -14.38 16.82
C ARG A 444 18.88 -13.74 17.48
N THR A 445 18.65 -12.68 18.25
CA THR A 445 19.72 -11.99 18.94
C THR A 445 20.19 -12.83 20.13
N PRO A 446 21.36 -12.50 20.68
CA PRO A 446 21.85 -13.26 21.84
C PRO A 446 20.88 -13.21 23.02
N ASP A 447 20.29 -12.05 23.29
CA ASP A 447 19.32 -11.94 24.37
C ASP A 447 18.11 -12.83 24.17
N GLY A 448 17.96 -13.43 22.99
CA GLY A 448 16.85 -14.29 22.68
C GLY A 448 15.76 -13.64 21.84
N ASN A 449 15.76 -12.32 21.73
CA ASN A 449 14.74 -11.62 20.97
C ASN A 449 14.97 -11.81 19.47
N LEU A 450 13.90 -11.59 18.71
CA LEU A 450 13.94 -11.69 17.26
C LEU A 450 14.10 -10.30 16.64
N ARG A 451 14.75 -10.25 15.48
CA ARG A 451 14.84 -9.04 14.68
C ARG A 451 14.35 -9.36 13.28
N VAL A 452 13.30 -8.67 12.85
CA VAL A 452 12.77 -8.85 11.49
C VAL A 452 13.63 -8.02 10.54
N VAL A 453 14.21 -8.68 9.54
CA VAL A 453 15.20 -8.06 8.67
C VAL A 453 14.79 -8.04 7.21
N GLY A 454 13.69 -8.69 6.84
CA GLY A 454 13.26 -8.67 5.46
C GLY A 454 12.12 -9.62 5.21
N ARG A 455 11.73 -9.70 3.94
CA ARG A 455 10.67 -10.59 3.48
C ARG A 455 11.16 -11.42 2.31
N ILE A 456 10.59 -12.60 2.16
CA ILE A 456 10.96 -13.54 1.10
C ILE A 456 9.68 -14.07 0.45
N LYS A 457 9.85 -14.65 -0.73
CA LYS A 457 8.73 -15.22 -1.46
C LYS A 457 9.20 -16.22 -2.51
N LYS B 23 18.54 31.69 -9.87
CA LYS B 23 19.59 31.67 -10.89
C LYS B 23 20.35 30.35 -10.87
N GLN B 24 20.65 29.85 -9.68
CA GLN B 24 21.35 28.58 -9.55
C GLN B 24 20.45 27.43 -9.99
N LEU B 25 21.08 26.40 -10.55
CA LEU B 25 20.35 25.20 -10.93
C LEU B 25 20.18 24.27 -9.72
N ILE B 26 19.19 23.39 -9.81
CA ILE B 26 18.95 22.43 -8.74
C ILE B 26 20.20 21.58 -8.56
N GLU B 27 20.60 21.41 -7.30
CA GLU B 27 21.79 20.63 -6.99
C GLU B 27 21.47 19.14 -7.02
N PHE B 28 22.52 18.34 -7.22
CA PHE B 28 22.41 16.89 -7.26
C PHE B 28 23.81 16.29 -7.35
N VAL B 29 23.89 14.99 -7.10
CA VAL B 29 25.17 14.27 -7.16
C VAL B 29 25.43 13.82 -8.58
N ARG B 30 26.66 13.99 -9.04
CA ARG B 30 27.03 13.74 -10.42
C ARG B 30 27.76 12.42 -10.59
N TRP B 31 27.65 11.86 -11.79
CA TRP B 31 28.57 10.80 -12.19
C TRP B 31 29.98 11.37 -12.29
N SER B 32 30.97 10.51 -12.06
CA SER B 32 32.34 10.93 -12.25
C SER B 32 32.56 11.30 -13.72
N PRO B 33 33.53 12.18 -14.00
CA PRO B 33 33.81 12.51 -15.41
C PRO B 33 34.23 11.32 -16.25
N GLU B 34 34.90 10.33 -15.64
CA GLU B 34 35.35 9.18 -16.41
C GLU B 34 34.17 8.37 -16.94
N ARG B 35 33.18 8.10 -16.09
CA ARG B 35 32.00 7.38 -16.55
C ARG B 35 31.17 8.24 -17.50
N ALA B 36 31.02 9.53 -17.19
CA ALA B 36 30.27 10.42 -18.07
C ALA B 36 30.83 10.39 -19.48
N GLN B 37 32.16 10.40 -19.63
CA GLN B 37 32.75 10.29 -20.94
C GLN B 37 32.44 8.94 -21.57
N HIS B 38 32.62 7.86 -20.81
CA HIS B 38 32.29 6.52 -21.31
C HIS B 38 30.86 6.46 -21.81
N TYR B 39 29.91 6.97 -21.02
CA TYR B 39 28.52 6.91 -21.41
C TYR B 39 28.24 7.73 -22.66
N ARG B 40 28.99 8.81 -22.86
CA ARG B 40 28.87 9.56 -24.12
C ARG B 40 29.58 8.84 -25.26
N ASN B 41 30.76 8.27 -24.99
CA ASN B 41 31.47 7.51 -26.01
C ASN B 41 30.64 6.31 -26.45
N LYS B 42 29.99 5.62 -25.51
CA LYS B 42 29.16 4.48 -25.84
C LYS B 42 27.87 4.88 -26.55
N GLY B 43 27.56 6.17 -26.61
CA GLY B 43 26.35 6.64 -27.25
C GLY B 43 25.12 6.67 -26.36
N TYR B 44 25.25 6.34 -25.09
CA TYR B 44 24.10 6.36 -24.19
C TYR B 44 23.61 7.78 -23.94
N TRP B 45 24.52 8.66 -23.52
CA TRP B 45 24.19 10.05 -23.27
C TRP B 45 24.37 10.85 -24.56
N ILE B 46 23.27 11.38 -25.10
CA ILE B 46 23.30 12.16 -26.33
C ILE B 46 23.12 13.65 -26.06
N ASP B 47 23.08 14.05 -24.79
CA ASP B 47 23.05 15.45 -24.40
C ASP B 47 21.95 16.22 -25.12
N GLN B 48 20.75 15.62 -25.14
CA GLN B 48 19.57 16.26 -25.67
C GLN B 48 18.49 16.31 -24.60
N PRO B 49 17.74 17.40 -24.51
CA PRO B 49 16.66 17.47 -23.52
C PRO B 49 15.58 16.45 -23.83
N LEU B 50 14.82 16.10 -22.79
CA LEU B 50 13.76 15.12 -22.96
C LEU B 50 12.72 15.58 -23.98
N THR B 51 12.62 16.88 -24.24
CA THR B 51 11.73 17.37 -25.28
C THR B 51 12.09 16.83 -26.66
N ARG B 52 13.26 16.21 -26.81
CA ARG B 52 13.63 15.58 -28.07
C ARG B 52 12.53 14.65 -28.56
N ILE B 53 11.86 13.96 -27.64
CA ILE B 53 10.75 13.08 -28.00
C ILE B 53 9.71 13.84 -28.80
N LEU B 54 9.40 15.07 -28.38
CA LEU B 54 8.41 15.88 -29.08
C LEU B 54 8.99 16.49 -30.35
N THR B 55 10.21 17.02 -30.29
CA THR B 55 10.79 17.67 -31.46
C THR B 55 10.92 16.69 -32.62
N VAL B 56 11.45 15.49 -32.36
CA VAL B 56 11.62 14.51 -33.42
C VAL B 56 10.27 14.09 -33.98
N GLY B 57 9.32 13.80 -33.09
CA GLY B 57 8.02 13.32 -33.54
C GLY B 57 7.30 14.31 -34.44
N VAL B 58 7.34 15.60 -34.07
CA VAL B 58 6.66 16.62 -34.86
C VAL B 58 7.21 16.65 -36.28
N GLN B 59 8.52 16.46 -36.44
CA GLN B 59 9.12 16.50 -37.77
C GLN B 59 8.76 15.26 -38.58
N SER B 60 8.69 14.11 -37.93
CA SER B 60 8.51 12.86 -38.67
C SER B 60 7.04 12.57 -38.95
N HIS B 61 6.15 12.81 -37.97
CA HIS B 61 4.76 12.39 -38.06
C HIS B 61 3.90 13.33 -37.23
N PRO B 62 3.80 14.59 -37.64
CA PRO B 62 3.10 15.58 -36.79
C PRO B 62 1.64 15.25 -36.58
N HIS B 63 1.02 14.51 -37.51
CA HIS B 63 -0.40 14.22 -37.44
C HIS B 63 -0.70 12.82 -36.89
N SER B 64 0.32 12.03 -36.61
CA SER B 64 0.11 10.80 -35.87
C SER B 64 -0.55 11.12 -34.53
N LEU B 65 -1.35 10.18 -34.05
CA LEU B 65 -2.00 10.35 -32.75
C LEU B 65 -0.98 10.14 -31.63
N ALA B 66 -0.90 11.10 -30.72
CA ALA B 66 0.02 11.02 -29.59
C ALA B 66 -0.67 10.60 -28.30
N ILE B 67 -1.82 11.19 -28.00
CA ILE B 67 -2.56 10.90 -26.77
C ILE B 67 -4.04 10.76 -27.10
N ILE B 68 -4.66 9.72 -26.54
CA ILE B 68 -6.10 9.57 -26.54
C ILE B 68 -6.57 9.61 -25.09
N CYS B 69 -7.41 10.57 -24.75
CA CYS B 69 -7.90 10.78 -23.39
C CYS B 69 -9.42 10.75 -23.43
N GLY B 70 -9.99 9.56 -23.26
CA GLY B 70 -11.43 9.39 -23.35
C GLY B 70 -11.96 9.70 -24.72
N GLU B 71 -12.62 10.85 -24.85
CA GLU B 71 -13.20 11.28 -26.11
C GLU B 71 -12.24 12.10 -26.96
N ARG B 72 -11.15 12.57 -26.39
CA ARG B 72 -10.26 13.53 -27.03
C ARG B 72 -9.06 12.83 -27.65
N GLN B 73 -8.52 13.46 -28.69
CA GLN B 73 -7.42 12.89 -29.46
C GLN B 73 -6.44 14.01 -29.79
N LEU B 74 -5.19 13.84 -29.37
CA LEU B 74 -4.15 14.84 -29.56
C LEU B 74 -3.09 14.28 -30.50
N SER B 75 -2.70 15.09 -31.49
CA SER B 75 -1.64 14.72 -32.40
C SER B 75 -0.29 15.19 -31.84
N TYR B 76 0.78 14.80 -32.53
CA TYR B 76 2.11 15.17 -32.06
C TYR B 76 2.32 16.68 -32.13
N ILE B 77 1.84 17.32 -33.21
CA ILE B 77 1.94 18.77 -33.29
C ILE B 77 0.95 19.42 -32.33
N GLU B 78 -0.24 18.83 -32.18
CA GLU B 78 -1.18 19.30 -31.18
C GLU B 78 -0.54 19.34 -29.80
N LEU B 79 -0.01 18.19 -29.36
CA LEU B 79 0.67 18.12 -28.08
C LEU B 79 1.85 19.10 -28.03
N ASP B 80 2.48 19.35 -29.17
CA ASP B 80 3.63 20.26 -29.20
C ASP B 80 3.19 21.71 -29.00
N ARG B 81 2.17 22.14 -29.73
CA ARG B 81 1.69 23.51 -29.61
C ARG B 81 1.18 23.78 -28.20
N LEU B 82 0.36 22.87 -27.67
CA LEU B 82 -0.26 23.10 -26.37
C LEU B 82 0.77 23.22 -25.26
N SER B 83 1.79 22.35 -25.27
CA SER B 83 2.84 22.44 -24.26
C SER B 83 3.66 23.72 -24.42
N THR B 84 3.85 24.19 -25.65
CA THR B 84 4.50 25.47 -25.85
C THR B 84 3.65 26.62 -25.33
N ASN B 85 2.34 26.58 -25.60
CA ASN B 85 1.44 27.59 -25.07
C ASN B 85 1.65 27.80 -23.58
N LEU B 86 1.61 26.72 -22.80
CA LEU B 86 1.81 26.82 -21.37
C LEU B 86 3.21 27.31 -21.03
N ALA B 87 4.23 26.77 -21.72
CA ALA B 87 5.60 27.13 -21.41
C ALA B 87 5.84 28.63 -21.57
N THR B 88 5.26 29.24 -22.61
CA THR B 88 5.45 30.68 -22.80
C THR B 88 4.68 31.48 -21.75
N ARG B 89 3.53 30.98 -21.30
CA ARG B 89 2.78 31.70 -20.26
C ARG B 89 3.50 31.63 -18.92
N LEU B 90 4.07 30.47 -18.59
CA LEU B 90 4.92 30.39 -17.40
C LEU B 90 6.16 31.25 -17.57
N ALA B 91 6.73 31.27 -18.78
CA ALA B 91 7.88 32.14 -19.04
C ALA B 91 7.50 33.60 -18.89
N GLU B 92 6.32 33.99 -19.37
CA GLU B 92 5.87 35.37 -19.24
C GLU B 92 5.72 35.80 -17.78
N LYS B 93 5.54 34.85 -16.86
CA LYS B 93 5.32 35.15 -15.46
C LYS B 93 6.58 35.03 -14.62
N GLY B 94 7.73 34.76 -15.24
CA GLY B 94 9.00 34.73 -14.53
C GLY B 94 9.45 33.38 -14.05
N LEU B 95 8.82 32.29 -14.51
CA LEU B 95 9.19 30.93 -14.11
C LEU B 95 10.16 30.36 -15.14
N GLY B 96 11.33 29.95 -14.69
CA GLY B 96 12.33 29.39 -15.57
C GLY B 96 13.37 28.59 -14.81
N LYS B 97 14.58 28.58 -15.33
CA LYS B 97 15.65 27.80 -14.72
C LYS B 97 15.89 28.23 -13.29
N GLY B 98 16.12 27.25 -12.42
CA GLY B 98 16.24 27.48 -10.99
C GLY B 98 14.93 27.37 -10.23
N ASP B 99 13.80 27.38 -10.92
CA ASP B 99 12.50 27.29 -10.31
C ASP B 99 11.96 25.86 -10.39
N THR B 100 11.14 25.49 -9.42
CA THR B 100 10.55 24.17 -9.34
C THR B 100 9.03 24.29 -9.37
N ALA B 101 8.37 23.15 -9.56
CA ALA B 101 6.91 23.10 -9.60
C ALA B 101 6.44 21.77 -9.07
N LEU B 102 5.34 21.79 -8.31
CA LEU B 102 4.69 20.58 -7.81
C LEU B 102 3.41 20.36 -8.61
N VAL B 103 3.29 19.18 -9.21
CA VAL B 103 2.16 18.84 -10.06
C VAL B 103 1.47 17.60 -9.51
N GLN B 104 0.16 17.68 -9.34
CA GLN B 104 -0.67 16.53 -8.94
C GLN B 104 -1.86 16.47 -9.88
N LEU B 105 -1.83 15.56 -10.84
CA LEU B 105 -2.90 15.42 -11.81
C LEU B 105 -3.27 13.95 -11.97
N PRO B 106 -4.51 13.68 -12.38
CA PRO B 106 -4.90 12.29 -12.66
C PRO B 106 -4.41 11.83 -14.02
N ASN B 107 -4.91 10.68 -14.49
CA ASN B 107 -4.47 10.11 -15.75
C ASN B 107 -5.25 10.75 -16.89
N VAL B 108 -4.85 11.99 -17.22
CA VAL B 108 -5.47 12.76 -18.28
C VAL B 108 -4.37 13.29 -19.20
N ALA B 109 -4.76 13.69 -20.40
CA ALA B 109 -3.79 14.19 -21.38
C ALA B 109 -3.04 15.40 -20.85
N GLU B 110 -3.70 16.25 -20.07
CA GLU B 110 -3.05 17.46 -19.56
C GLU B 110 -1.85 17.15 -18.68
N PHE B 111 -1.74 15.92 -18.17
CA PHE B 111 -0.53 15.55 -17.46
C PHE B 111 0.69 15.67 -18.35
N TYR B 112 0.60 15.15 -19.57
CA TYR B 112 1.74 15.17 -20.47
C TYR B 112 1.98 16.55 -21.07
N ILE B 113 0.90 17.29 -21.35
CA ILE B 113 1.06 18.69 -21.77
C ILE B 113 1.83 19.46 -20.71
N VAL B 114 1.40 19.36 -19.45
CA VAL B 114 2.08 20.06 -18.36
C VAL B 114 3.52 19.58 -18.25
N PHE B 115 3.75 18.28 -18.37
CA PHE B 115 5.10 17.75 -18.22
C PHE B 115 6.04 18.35 -19.25
N PHE B 116 5.68 18.29 -20.53
CA PHE B 116 6.54 18.83 -21.57
C PHE B 116 6.60 20.36 -21.51
N ALA B 117 5.56 20.99 -20.95
CA ALA B 117 5.60 22.44 -20.77
C ALA B 117 6.71 22.84 -19.80
N LEU B 118 6.74 22.20 -18.63
CA LEU B 118 7.76 22.53 -17.64
C LEU B 118 9.14 22.10 -18.11
N LEU B 119 9.23 20.95 -18.79
CA LEU B 119 10.50 20.55 -19.39
C LEU B 119 10.99 21.60 -20.39
N LYS B 120 10.08 22.10 -21.22
CA LYS B 120 10.44 23.13 -22.20
C LYS B 120 10.91 24.40 -21.52
N ALA B 121 10.22 24.81 -20.45
CA ALA B 121 10.50 26.07 -19.78
C ALA B 121 11.67 26.01 -18.82
N GLY B 122 12.26 24.83 -18.61
CA GLY B 122 13.36 24.70 -17.69
C GLY B 122 12.98 24.66 -16.23
N VAL B 123 11.71 24.39 -15.93
CA VAL B 123 11.24 24.27 -14.56
C VAL B 123 11.34 22.81 -14.12
N VAL B 124 12.04 22.56 -13.01
CA VAL B 124 12.23 21.21 -12.51
C VAL B 124 10.97 20.81 -11.75
N VAL B 125 10.19 19.91 -12.33
CA VAL B 125 8.89 19.53 -11.79
C VAL B 125 9.04 18.29 -10.91
N LEU B 126 8.19 18.20 -9.89
CA LEU B 126 8.00 16.99 -9.12
C LEU B 126 6.54 16.57 -9.28
N ASN B 127 6.34 15.32 -9.71
CA ASN B 127 5.01 14.80 -10.02
C ASN B 127 4.52 13.98 -8.84
N ALA B 128 3.62 14.55 -8.05
CA ALA B 128 3.02 13.82 -6.95
C ALA B 128 1.94 12.88 -7.47
N LEU B 129 1.82 11.73 -6.81
CA LEU B 129 0.76 10.80 -7.14
C LEU B 129 -0.60 11.43 -6.80
N TYR B 130 -1.57 11.20 -7.68
CA TYR B 130 -2.92 11.70 -7.42
C TYR B 130 -3.48 11.18 -6.11
N SER B 131 -2.94 10.07 -5.60
CA SER B 131 -3.39 9.51 -4.34
C SER B 131 -2.70 10.11 -3.12
N HIS B 132 -1.63 10.89 -3.32
CA HIS B 132 -0.97 11.53 -2.19
C HIS B 132 -1.90 12.56 -1.56
N ARG B 133 -1.81 12.69 -0.24
CA ARG B 133 -2.69 13.56 0.53
C ARG B 133 -1.89 14.73 1.12
N GLN B 134 -2.57 15.50 1.97
CA GLN B 134 -1.98 16.73 2.51
C GLN B 134 -0.59 16.49 3.09
N TYR B 135 -0.40 15.36 3.78
CA TYR B 135 0.88 15.12 4.44
C TYR B 135 2.01 14.98 3.44
N GLU B 136 1.81 14.23 2.36
CA GLU B 136 2.83 14.10 1.33
C GLU B 136 3.10 15.43 0.65
N LEU B 137 2.03 16.12 0.23
CA LEU B 137 2.19 17.38 -0.48
C LEU B 137 2.98 18.39 0.35
N ASN B 138 2.61 18.52 1.63
CA ASN B 138 3.36 19.42 2.51
C ASN B 138 4.84 19.04 2.54
N ALA B 139 5.13 17.74 2.63
CA ALA B 139 6.53 17.29 2.62
C ALA B 139 7.23 17.73 1.35
N PHE B 140 6.57 17.58 0.20
CA PHE B 140 7.20 17.96 -1.06
C PHE B 140 7.39 19.46 -1.17
N ILE B 141 6.43 20.24 -0.67
CA ILE B 141 6.52 21.69 -0.79
C ILE B 141 7.65 22.23 0.07
N LYS B 142 7.86 21.64 1.25
CA LYS B 142 8.98 22.07 2.08
C LYS B 142 10.32 21.75 1.44
N GLN B 143 10.40 20.66 0.68
CA GLN B 143 11.68 20.20 0.15
C GLN B 143 12.11 20.97 -1.09
N ILE B 144 11.16 21.45 -1.90
CA ILE B 144 11.48 22.08 -3.18
C ILE B 144 10.94 23.49 -3.31
N GLN B 145 10.09 23.96 -2.38
CA GLN B 145 9.57 25.32 -2.37
C GLN B 145 9.10 25.74 -3.78
N PRO B 146 8.13 25.04 -4.35
CA PRO B 146 7.75 25.33 -5.73
C PRO B 146 7.13 26.71 -5.87
N LYS B 147 7.54 27.42 -6.92
CA LYS B 147 6.87 28.66 -7.30
C LYS B 147 5.64 28.41 -8.17
N LEU B 148 5.46 27.18 -8.64
CA LEU B 148 4.29 26.79 -9.42
C LEU B 148 3.62 25.60 -8.76
N LEU B 149 2.29 25.54 -8.86
CA LEU B 149 1.52 24.47 -8.26
C LEU B 149 0.30 24.20 -9.14
N ILE B 150 0.26 23.02 -9.74
CA ILE B 150 -0.84 22.61 -10.61
C ILE B 150 -1.57 21.45 -9.95
N GLY B 151 -2.85 21.66 -9.64
CA GLY B 151 -3.66 20.63 -9.01
C GLY B 151 -5.03 20.57 -9.65
N SER B 152 -5.87 19.71 -9.07
CA SER B 152 -7.24 19.51 -9.53
C SER B 152 -8.22 19.86 -8.42
N ARG B 153 -9.34 20.45 -8.80
CA ARG B 153 -10.39 20.78 -7.83
C ARG B 153 -11.25 19.57 -7.47
N GLN B 154 -11.14 18.48 -8.22
CA GLN B 154 -11.80 17.24 -7.84
C GLN B 154 -11.00 16.45 -6.80
N HIS B 155 -9.79 16.91 -6.47
CA HIS B 155 -8.99 16.26 -5.45
C HIS B 155 -9.39 16.76 -4.07
N GLU B 156 -9.45 15.83 -3.11
CA GLU B 156 -9.91 16.18 -1.77
C GLU B 156 -9.06 17.29 -1.15
N VAL B 157 -7.75 17.27 -1.41
CA VAL B 157 -6.86 18.28 -0.86
C VAL B 157 -7.20 19.67 -1.37
N PHE B 158 -7.90 19.74 -2.52
CA PHE B 158 -8.28 21.03 -3.09
C PHE B 158 -9.79 21.17 -3.25
N SER B 159 -10.57 20.28 -2.63
CA SER B 159 -12.02 20.48 -2.59
C SER B 159 -12.38 21.81 -1.94
N ASN B 160 -11.57 22.27 -1.00
CA ASN B 160 -11.69 23.61 -0.44
C ASN B 160 -10.32 24.27 -0.56
N ASN B 161 -10.09 25.32 0.23
CA ASN B 161 -8.84 26.06 0.16
C ASN B 161 -7.96 25.89 1.39
N GLN B 162 -8.45 25.25 2.45
CA GLN B 162 -7.70 25.12 3.69
C GLN B 162 -6.22 24.82 3.44
N PHE B 163 -5.93 23.85 2.56
CA PHE B 163 -4.55 23.51 2.28
C PHE B 163 -3.78 24.67 1.65
N ILE B 164 -4.42 25.35 0.69
CA ILE B 164 -3.72 26.41 -0.03
C ILE B 164 -3.44 27.60 0.88
N ASP B 165 -4.39 27.93 1.76
CA ASP B 165 -4.17 29.07 2.66
C ASP B 165 -3.20 28.74 3.78
N SER B 166 -3.17 27.48 4.24
CA SER B 166 -2.19 27.10 5.25
C SER B 166 -0.76 27.29 4.73
N LEU B 167 -0.59 27.38 3.41
CA LEU B 167 0.74 27.64 2.86
C LEU B 167 1.16 29.08 3.11
N HIS B 168 0.21 30.02 3.08
CA HIS B 168 0.53 31.42 3.35
CA HIS B 168 0.54 31.41 3.35
C HIS B 168 1.12 31.57 4.76
N ASP B 169 0.51 30.90 5.74
CA ASP B 169 1.00 31.01 7.11
C ASP B 169 2.46 30.57 7.21
N VAL B 170 2.82 29.48 6.52
CA VAL B 170 4.19 28.97 6.58
C VAL B 170 5.12 29.65 5.59
N ASN B 171 4.63 30.61 4.81
CA ASN B 171 5.44 31.39 3.88
C ASN B 171 5.94 30.54 2.71
N LEU B 172 5.12 29.59 2.26
CA LEU B 172 5.47 28.74 1.12
C LEU B 172 4.46 28.86 -0.01
N SER B 173 3.63 29.90 0.01
CA SER B 173 2.63 30.07 -1.04
C SER B 173 3.31 30.13 -2.40
N PRO B 174 2.84 29.37 -3.39
CA PRO B 174 3.47 29.43 -4.72
C PRO B 174 3.24 30.78 -5.39
N GLU B 175 3.86 31.00 -6.55
CA GLU B 175 3.63 32.20 -7.33
C GLU B 175 2.37 32.10 -8.18
N ILE B 176 2.15 30.96 -8.84
CA ILE B 176 0.95 30.73 -9.66
C ILE B 176 0.32 29.41 -9.23
N ILE B 177 -1.00 29.38 -9.24
CA ILE B 177 -1.77 28.18 -8.93
C ILE B 177 -2.73 27.95 -10.09
N LEU B 178 -2.45 26.94 -10.91
CA LEU B 178 -3.33 26.54 -11.99
C LEU B 178 -4.12 25.31 -11.55
N MET B 179 -5.43 25.36 -11.70
CA MET B 179 -6.33 24.33 -11.20
C MET B 179 -7.06 23.67 -12.35
N LEU B 180 -7.01 22.34 -12.40
CA LEU B 180 -7.85 21.57 -13.31
C LEU B 180 -9.24 21.43 -12.70
N ASN B 181 -10.27 21.47 -13.55
CA ASN B 181 -11.65 21.59 -13.08
C ASN B 181 -11.81 22.86 -12.25
N HIS B 182 -11.22 23.95 -12.74
CA HIS B 182 -11.20 25.21 -12.02
C HIS B 182 -12.61 25.66 -11.66
N GLN B 183 -12.73 26.31 -10.52
CA GLN B 183 -13.96 26.96 -10.08
C GLN B 183 -13.78 28.47 -10.17
N ALA B 184 -14.69 29.20 -9.54
CA ALA B 184 -14.60 30.66 -9.54
C ALA B 184 -13.31 31.10 -8.86
N THR B 185 -12.78 32.24 -9.30
CA THR B 185 -11.55 32.82 -8.76
C THR B 185 -10.35 31.89 -8.91
N ASP B 186 -10.41 30.95 -9.84
CA ASP B 186 -9.33 30.01 -10.08
C ASP B 186 -8.74 30.22 -11.47
N PHE B 187 -7.43 30.06 -11.58
CA PHE B 187 -6.76 30.06 -12.88
C PHE B 187 -7.01 28.72 -13.55
N GLY B 188 -7.80 28.73 -14.62
CA GLY B 188 -8.11 27.51 -15.34
C GLY B 188 -6.87 26.95 -16.02
N LEU B 189 -6.46 25.75 -15.63
CA LEU B 189 -5.30 25.12 -16.25
C LEU B 189 -5.49 24.97 -17.75
N LEU B 190 -6.68 24.56 -18.18
CA LEU B 190 -6.92 24.30 -19.59
C LEU B 190 -7.03 25.57 -20.42
N ASP B 191 -7.22 26.73 -19.80
CA ASP B 191 -7.15 28.00 -20.52
C ASP B 191 -5.71 28.40 -20.79
N TRP B 192 -4.83 28.29 -19.78
CA TRP B 192 -3.41 28.59 -19.94
C TRP B 192 -2.74 27.66 -20.96
N ILE B 193 -3.47 26.65 -21.45
CA ILE B 193 -3.00 25.77 -22.50
C ILE B 193 -3.61 26.11 -23.86
N GLU B 194 -4.80 26.70 -23.88
CA GLU B 194 -5.49 26.99 -25.15
C GLU B 194 -4.75 28.03 -25.98
N THR B 195 -4.32 29.12 -25.35
CA THR B 195 -3.72 30.23 -26.07
C THR B 195 -2.30 30.50 -25.59
N PRO B 196 -1.44 31.03 -26.46
CA PRO B 196 -0.07 31.36 -26.06
C PRO B 196 0.02 32.74 -25.43
N ALA B 197 1.16 32.98 -24.77
CA ALA B 197 1.38 34.24 -24.07
C ALA B 197 1.41 35.40 -25.07
N GLU B 198 1.29 36.61 -24.53
CA GLU B 198 1.28 37.80 -25.36
C GLU B 198 2.70 38.28 -25.67
N THR B 199 3.43 38.69 -24.65
CA THR B 199 4.77 39.24 -24.82
C THR B 199 5.80 38.12 -24.84
N PHE B 200 6.68 38.14 -25.84
CA PHE B 200 7.73 37.13 -25.95
C PHE B 200 8.68 37.21 -24.78
N VAL B 201 9.09 36.05 -24.28
CA VAL B 201 10.15 35.95 -23.27
C VAL B 201 10.91 34.65 -23.51
N ASP B 202 12.19 34.75 -23.86
CA ASP B 202 12.96 33.56 -24.18
C ASP B 202 13.01 32.61 -23.00
N PHE B 203 12.92 31.31 -23.30
CA PHE B 203 13.04 30.26 -22.30
C PHE B 203 13.75 29.08 -22.93
N SER B 204 14.07 28.08 -22.11
CA SER B 204 14.80 26.92 -22.62
C SER B 204 14.82 25.84 -21.57
N SER B 205 15.10 24.62 -22.02
CA SER B 205 15.29 23.50 -21.12
C SER B 205 16.49 23.76 -20.21
N THR B 206 16.62 22.93 -19.18
CA THR B 206 17.86 22.87 -18.43
C THR B 206 18.88 22.05 -19.21
N PRO B 207 20.16 22.29 -19.00
CA PRO B 207 21.18 21.53 -19.73
C PRO B 207 20.96 20.03 -19.61
N ALA B 208 21.30 19.32 -20.69
CA ALA B 208 20.96 17.89 -20.78
C ALA B 208 21.60 17.07 -19.67
N ASP B 209 22.73 17.52 -19.12
CA ASP B 209 23.37 16.83 -18.02
C ASP B 209 23.05 17.46 -16.66
N GLU B 210 21.98 18.24 -16.59
CA GLU B 210 21.47 18.79 -15.34
C GLU B 210 20.15 18.10 -15.00
N VAL B 211 19.53 18.52 -13.91
CA VAL B 211 18.32 17.88 -13.42
C VAL B 211 17.13 18.36 -14.26
N ALA B 212 16.36 17.40 -14.78
CA ALA B 212 15.15 17.67 -15.54
C ALA B 212 13.89 17.62 -14.70
N PHE B 213 13.77 16.63 -13.82
CA PHE B 213 12.62 16.52 -12.92
C PHE B 213 13.00 15.59 -11.78
N PHE B 214 12.08 15.46 -10.82
CA PHE B 214 12.26 14.60 -9.66
C PHE B 214 11.40 13.35 -9.79
N GLN B 215 12.04 12.19 -9.67
CA GLN B 215 11.32 10.94 -9.49
C GLN B 215 11.21 10.64 -7.99
N LEU B 216 10.23 9.82 -7.64
CA LEU B 216 9.98 9.47 -6.25
C LEU B 216 10.37 8.03 -5.99
N SER B 217 11.00 7.80 -4.83
CA SER B 217 11.36 6.45 -4.45
C SER B 217 10.11 5.64 -4.13
N GLY B 218 10.26 4.32 -4.17
CA GLY B 218 9.13 3.44 -3.97
C GLY B 218 9.18 2.61 -2.70
N GLY B 219 10.33 2.60 -2.03
CA GLY B 219 10.48 1.76 -0.85
C GLY B 219 10.66 2.51 0.46
N SER B 220 10.76 3.84 0.38
CA SER B 220 11.05 4.68 1.55
C SER B 220 10.15 4.34 2.73
N THR B 221 10.62 4.66 3.94
CA THR B 221 9.85 4.38 5.14
C THR B 221 8.77 5.43 5.38
N GLY B 222 9.14 6.71 5.28
CA GLY B 222 8.18 7.78 5.41
C GLY B 222 7.72 8.28 4.06
N THR B 223 7.75 9.60 3.86
CA THR B 223 7.41 10.15 2.57
C THR B 223 8.41 9.68 1.51
N PRO B 224 7.97 9.51 0.26
CA PRO B 224 8.90 9.08 -0.79
C PRO B 224 10.04 10.08 -0.94
N LYS B 225 11.25 9.55 -1.06
CA LYS B 225 12.43 10.38 -1.23
C LYS B 225 12.55 10.84 -2.68
N LEU B 226 13.25 11.96 -2.86
CA LEU B 226 13.34 12.61 -4.17
C LEU B 226 14.56 12.11 -4.93
N ILE B 227 14.35 11.71 -6.18
CA ILE B 227 15.42 11.20 -7.03
C ILE B 227 15.64 12.15 -8.20
N PRO B 228 16.75 12.88 -8.24
CA PRO B 228 17.01 13.74 -9.41
C PRO B 228 17.36 12.89 -10.63
N ARG B 229 16.64 13.13 -11.72
CA ARG B 229 16.91 12.50 -13.00
C ARG B 229 17.31 13.57 -14.00
N THR B 230 18.39 13.34 -14.72
CA THR B 230 18.84 14.27 -15.75
C THR B 230 18.22 13.90 -17.10
N HIS B 231 18.23 14.87 -18.02
CA HIS B 231 17.77 14.59 -19.38
C HIS B 231 18.54 13.43 -19.99
N ASN B 232 19.86 13.41 -19.79
CA ASN B 232 20.69 12.37 -20.38
C ASN B 232 20.26 10.98 -19.91
N ASP B 233 20.31 10.75 -18.60
CA ASP B 233 20.10 9.39 -18.09
C ASP B 233 18.67 8.92 -18.30
N TYR B 234 17.69 9.80 -18.10
CA TYR B 234 16.30 9.39 -18.30
C TYR B 234 16.02 9.08 -19.76
N ASP B 235 16.44 9.98 -20.66
CA ASP B 235 16.17 9.76 -22.08
C ASP B 235 16.84 8.48 -22.58
N TYR B 236 18.03 8.17 -22.08
CA TYR B 236 18.68 6.91 -22.44
C TYR B 236 17.82 5.73 -22.03
N SER B 237 17.41 5.70 -20.75
CA SER B 237 16.57 4.60 -20.28
C SER B 237 15.27 4.51 -21.06
N VAL B 238 14.75 5.65 -21.52
CA VAL B 238 13.55 5.63 -22.36
C VAL B 238 13.85 4.96 -23.69
N ARG B 239 14.94 5.37 -24.35
CA ARG B 239 15.26 4.81 -25.65
C ARG B 239 15.66 3.35 -25.56
N ALA B 240 16.44 2.98 -24.53
CA ALA B 240 16.83 1.60 -24.36
C ALA B 240 15.62 0.72 -24.05
N SER B 241 14.78 1.17 -23.12
CA SER B 241 13.55 0.44 -22.81
C SER B 241 12.70 0.24 -24.06
N ALA B 242 12.64 1.26 -24.92
CA ALA B 242 11.76 1.21 -26.08
C ALA B 242 12.16 0.07 -27.03
N GLU B 243 13.46 -0.09 -27.28
CA GLU B 243 13.90 -1.15 -28.18
C GLU B 243 13.68 -2.53 -27.56
N ILE B 244 13.98 -2.68 -26.27
CA ILE B 244 13.84 -3.97 -25.62
C ILE B 244 12.39 -4.44 -25.66
N CYS B 245 11.45 -3.50 -25.53
CA CYS B 245 10.03 -3.83 -25.53
C CYS B 245 9.41 -3.80 -26.92
N GLY B 246 10.21 -3.55 -27.96
CA GLY B 246 9.72 -3.62 -29.33
C GLY B 246 8.70 -2.57 -29.71
N LEU B 247 8.68 -1.42 -29.05
CA LEU B 247 7.73 -0.38 -29.38
C LEU B 247 7.98 0.14 -30.78
N ASN B 248 6.89 0.51 -31.46
CA ASN B 248 6.97 1.11 -32.79
C ASN B 248 5.82 2.09 -32.94
N SER B 249 5.67 2.64 -34.15
CA SER B 249 4.69 3.68 -34.39
C SER B 249 3.25 3.16 -34.45
N ASN B 250 3.06 1.85 -34.57
CA ASN B 250 1.73 1.26 -34.49
C ASN B 250 1.34 0.87 -33.07
N THR B 251 2.13 1.28 -32.08
CA THR B 251 1.91 0.86 -30.70
C THR B 251 0.90 1.78 -30.04
N ARG B 252 -0.17 1.20 -29.50
CA ARG B 252 -1.16 1.92 -28.71
C ARG B 252 -1.06 1.39 -27.28
N LEU B 253 -0.38 2.13 -26.43
CA LEU B 253 -0.08 1.70 -25.06
C LEU B 253 -1.13 2.23 -24.10
N LEU B 254 -1.64 1.35 -23.24
CA LEU B 254 -2.59 1.75 -22.21
C LEU B 254 -1.84 2.23 -20.98
N CYS B 255 -2.17 3.44 -20.53
CA CYS B 255 -1.60 4.01 -19.31
CA CYS B 255 -1.60 4.01 -19.31
C CYS B 255 -2.69 3.98 -18.24
N ALA B 256 -2.75 2.85 -17.52
CA ALA B 256 -3.74 2.65 -16.47
C ALA B 256 -3.17 2.85 -15.08
N LEU B 257 -1.87 2.64 -14.90
CA LEU B 257 -1.22 2.93 -13.63
C LEU B 257 -1.04 4.43 -13.49
N PRO B 258 -0.67 4.92 -12.30
CA PRO B 258 -0.45 6.35 -12.12
C PRO B 258 0.61 6.86 -13.10
N ALA B 259 0.24 7.92 -13.84
CA ALA B 259 1.12 8.43 -14.88
C ALA B 259 2.48 8.89 -14.34
N PRO B 260 2.56 9.60 -13.21
CA PRO B 260 3.88 9.99 -12.70
C PRO B 260 4.83 8.83 -12.43
N HIS B 261 4.31 7.61 -12.26
CA HIS B 261 5.16 6.51 -11.79
C HIS B 261 6.15 6.08 -12.86
N ASN B 262 7.39 5.80 -12.44
CA ASN B 262 8.47 5.49 -13.36
C ASN B 262 8.08 4.36 -14.31
N PHE B 263 7.59 3.24 -13.77
CA PHE B 263 7.15 2.12 -14.59
C PHE B 263 6.26 2.58 -15.74
N MET B 264 5.30 3.46 -15.44
CA MET B 264 4.34 3.91 -16.43
C MET B 264 4.85 5.07 -17.28
N LEU B 265 5.98 5.67 -16.91
CA LEU B 265 6.49 6.85 -17.60
C LEU B 265 7.67 6.56 -18.52
N SER B 266 8.52 5.57 -18.19
CA SER B 266 9.76 5.44 -18.92
C SER B 266 10.30 4.00 -19.02
N SER B 267 9.49 2.98 -18.75
CA SER B 267 9.95 1.59 -18.78
C SER B 267 8.86 0.67 -19.28
N PRO B 268 8.48 0.81 -20.56
CA PRO B 268 8.89 1.84 -21.53
C PRO B 268 8.04 3.07 -21.36
N GLY B 269 6.80 2.88 -20.88
CA GLY B 269 5.95 3.97 -20.47
C GLY B 269 5.48 4.87 -21.60
N ALA B 270 4.85 5.98 -21.19
CA ALA B 270 4.36 6.96 -22.16
C ALA B 270 5.51 7.55 -22.97
N LEU B 271 6.65 7.83 -22.31
CA LEU B 271 7.77 8.43 -23.01
C LEU B 271 8.34 7.47 -24.06
N GLY B 272 8.43 6.18 -23.72
CA GLY B 272 8.93 5.22 -24.68
C GLY B 272 8.06 5.11 -25.92
N VAL B 273 6.74 5.16 -25.74
CA VAL B 273 5.84 5.08 -26.89
C VAL B 273 5.95 6.33 -27.74
N LEU B 274 5.98 7.51 -27.11
CA LEU B 274 6.17 8.74 -27.86
C LEU B 274 7.50 8.74 -28.59
N HIS B 275 8.54 8.21 -27.96
CA HIS B 275 9.84 8.10 -28.62
C HIS B 275 9.76 7.21 -29.86
N ALA B 276 8.84 6.24 -29.86
CA ALA B 276 8.65 5.35 -30.98
C ALA B 276 7.57 5.84 -31.95
N GLY B 277 6.91 6.95 -31.64
CA GLY B 277 5.87 7.47 -32.52
C GLY B 277 4.52 6.81 -32.36
N GLY B 278 4.31 6.08 -31.27
CA GLY B 278 3.06 5.40 -31.02
C GLY B 278 2.03 6.28 -30.36
N CYS B 279 1.08 5.65 -29.67
CA CYS B 279 -0.02 6.34 -29.02
C CYS B 279 -0.13 5.93 -27.56
N VAL B 280 -0.55 6.89 -26.74
CA VAL B 280 -0.83 6.67 -25.33
C VAL B 280 -2.34 6.76 -25.13
N VAL B 281 -2.92 5.73 -24.53
CA VAL B 281 -4.35 5.67 -24.25
C VAL B 281 -4.55 5.72 -22.74
N MET B 282 -5.36 6.68 -22.28
CA MET B 282 -5.52 6.95 -20.87
C MET B 282 -6.60 6.07 -20.25
N ALA B 283 -6.35 5.66 -19.00
CA ALA B 283 -7.31 4.91 -18.22
C ALA B 283 -7.21 5.43 -16.78
N PRO B 284 -8.35 5.72 -16.14
CA PRO B 284 -8.28 6.21 -14.75
C PRO B 284 -7.62 5.23 -13.80
N ASN B 285 -7.76 3.93 -14.03
CA ASN B 285 -7.17 2.91 -13.17
C ASN B 285 -7.23 1.56 -13.85
N PRO B 286 -6.52 0.55 -13.34
CA PRO B 286 -6.49 -0.75 -14.02
C PRO B 286 -7.65 -1.68 -13.67
N GLU B 287 -8.74 -1.12 -13.18
CA GLU B 287 -9.91 -1.95 -12.89
C GLU B 287 -10.52 -2.43 -14.19
N PRO B 288 -10.62 -3.74 -14.42
CA PRO B 288 -11.18 -4.24 -15.70
C PRO B 288 -12.41 -3.46 -16.14
N LEU B 289 -13.21 -3.00 -15.17
CA LEU B 289 -14.39 -2.18 -15.46
C LEU B 289 -14.03 -1.01 -16.36
N ASN B 290 -13.16 -0.13 -15.88
CA ASN B 290 -12.76 1.06 -16.62
C ASN B 290 -11.50 0.85 -17.44
N CYS B 291 -11.23 -0.40 -17.85
CA CYS B 291 -10.06 -0.69 -18.67
C CYS B 291 -10.46 -1.45 -19.92
N PHE B 292 -11.08 -2.61 -19.71
CA PHE B 292 -11.48 -3.45 -20.83
C PHE B 292 -12.27 -2.67 -21.87
N SER B 293 -13.09 -1.71 -21.41
CA SER B 293 -13.84 -0.86 -22.35
C SER B 293 -12.90 0.03 -23.16
N ILE B 294 -11.95 0.67 -22.49
CA ILE B 294 -11.00 1.53 -23.18
C ILE B 294 -10.17 0.72 -24.18
N ILE B 295 -9.70 -0.46 -23.75
CA ILE B 295 -8.84 -1.27 -24.61
C ILE B 295 -9.54 -1.60 -25.92
N GLN B 296 -10.83 -1.92 -25.86
CA GLN B 296 -11.54 -2.29 -27.08
C GLN B 296 -11.84 -1.06 -27.94
N ARG B 297 -12.35 0.00 -27.32
CA ARG B 297 -12.78 1.16 -28.09
C ARG B 297 -11.64 1.76 -28.91
N HIS B 298 -10.42 1.74 -28.39
CA HIS B 298 -9.27 2.35 -29.05
C HIS B 298 -8.18 1.34 -29.43
N GLN B 299 -8.53 0.06 -29.53
CA GLN B 299 -7.63 -0.99 -29.98
C GLN B 299 -6.24 -0.87 -29.36
N VAL B 300 -6.22 -0.96 -28.02
CA VAL B 300 -4.95 -0.97 -27.32
C VAL B 300 -4.26 -2.30 -27.58
N ASN B 301 -2.98 -2.25 -27.94
CA ASN B 301 -2.23 -3.46 -28.23
C ASN B 301 -1.19 -3.78 -27.16
N MET B 302 -0.95 -2.88 -26.21
CA MET B 302 0.10 -3.07 -25.22
C MET B 302 -0.33 -2.45 -23.91
N ALA B 303 0.15 -3.02 -22.81
CA ALA B 303 -0.20 -2.52 -21.49
C ALA B 303 0.85 -2.97 -20.50
N SER B 304 1.03 -2.17 -19.45
CA SER B 304 1.94 -2.47 -18.35
C SER B 304 1.13 -2.49 -17.06
N LEU B 305 1.36 -3.50 -16.22
CA LEU B 305 0.56 -3.68 -15.02
C LEU B 305 1.43 -4.23 -13.90
N VAL B 306 0.99 -4.01 -12.67
CA VAL B 306 1.56 -4.64 -11.49
C VAL B 306 0.80 -5.96 -11.27
N PRO B 307 1.40 -6.94 -10.59
CA PRO B 307 0.73 -8.24 -10.46
C PRO B 307 -0.69 -8.17 -9.92
N SER B 308 -0.97 -7.28 -8.96
CA SER B 308 -2.32 -7.18 -8.42
C SER B 308 -3.33 -6.88 -9.51
N ALA B 309 -2.98 -5.97 -10.44
CA ALA B 309 -3.89 -5.65 -11.54
C ALA B 309 -4.04 -6.84 -12.49
N VAL B 310 -2.93 -7.51 -12.81
CA VAL B 310 -2.99 -8.68 -13.67
C VAL B 310 -3.96 -9.71 -13.11
N ILE B 311 -4.09 -9.78 -11.78
CA ILE B 311 -4.96 -10.77 -11.17
C ILE B 311 -6.42 -10.41 -11.38
N MET B 312 -6.77 -9.13 -11.26
CA MET B 312 -8.13 -8.72 -11.55
C MET B 312 -8.47 -8.97 -13.02
N TRP B 313 -7.50 -8.75 -13.91
CA TRP B 313 -7.76 -8.97 -15.34
C TRP B 313 -7.99 -10.46 -15.62
N LEU B 314 -7.11 -11.33 -15.12
CA LEU B 314 -7.30 -12.76 -15.31
C LEU B 314 -8.67 -13.20 -14.84
N GLU B 315 -9.17 -12.59 -13.77
CA GLU B 315 -10.47 -12.98 -13.23
C GLU B 315 -11.59 -12.62 -14.20
N LYS B 316 -11.68 -11.34 -14.59
CA LYS B 316 -12.75 -10.88 -15.45
C LYS B 316 -12.53 -11.21 -16.92
N ALA B 317 -11.40 -11.83 -17.27
CA ALA B 317 -11.10 -12.10 -18.68
C ALA B 317 -12.01 -13.15 -19.29
N ALA B 318 -12.59 -14.03 -18.47
CA ALA B 318 -13.44 -15.09 -19.01
C ALA B 318 -14.61 -14.51 -19.79
N GLN B 319 -15.35 -13.59 -19.18
CA GLN B 319 -16.56 -13.03 -19.79
C GLN B 319 -16.27 -11.87 -20.73
N TYR B 320 -15.01 -11.49 -20.93
CA TYR B 320 -14.69 -10.32 -21.74
C TYR B 320 -13.46 -10.53 -22.61
N LYS B 321 -13.22 -11.77 -23.05
CA LYS B 321 -12.06 -12.05 -23.90
C LYS B 321 -12.05 -11.13 -25.12
N ASP B 322 -13.21 -10.92 -25.73
CA ASP B 322 -13.26 -10.11 -26.94
C ASP B 322 -12.84 -8.67 -26.68
N GLN B 323 -13.25 -8.11 -25.55
CA GLN B 323 -12.96 -6.70 -25.28
C GLN B 323 -11.47 -6.41 -25.20
N ILE B 324 -10.64 -7.42 -24.91
CA ILE B 324 -9.20 -7.22 -24.81
C ILE B 324 -8.44 -8.07 -25.83
N GLN B 325 -9.09 -8.48 -26.91
CA GLN B 325 -8.40 -9.28 -27.92
C GLN B 325 -7.27 -8.49 -28.58
N SER B 326 -7.41 -7.17 -28.69
CA SER B 326 -6.42 -6.36 -29.38
C SER B 326 -5.09 -6.32 -28.65
N LEU B 327 -5.05 -6.72 -27.38
CA LEU B 327 -3.79 -6.72 -26.64
C LEU B 327 -2.82 -7.73 -27.25
N LYS B 328 -1.58 -7.31 -27.44
CA LYS B 328 -0.55 -8.17 -28.01
C LYS B 328 0.63 -8.40 -27.08
N LEU B 329 0.90 -7.50 -26.13
CA LEU B 329 2.04 -7.65 -25.23
C LEU B 329 1.71 -6.98 -23.90
N LEU B 330 1.93 -7.70 -22.81
CA LEU B 330 1.69 -7.20 -21.46
C LEU B 330 3.00 -7.23 -20.69
N GLN B 331 3.37 -6.09 -20.10
CA GLN B 331 4.53 -6.00 -19.23
C GLN B 331 4.07 -6.07 -17.78
N VAL B 332 4.63 -7.01 -17.02
CA VAL B 332 4.30 -7.19 -15.62
C VAL B 332 5.56 -6.95 -14.79
N GLY B 333 5.41 -6.20 -13.71
CA GLY B 333 6.53 -5.94 -12.83
C GLY B 333 6.09 -5.17 -11.61
N GLY B 334 6.99 -5.08 -10.64
CA GLY B 334 6.76 -4.29 -9.44
C GLY B 334 6.36 -5.07 -8.21
N ALA B 335 6.32 -6.41 -8.28
CA ALA B 335 5.91 -7.20 -7.13
C ALA B 335 6.10 -8.67 -7.47
N SER B 336 5.74 -9.53 -6.52
CA SER B 336 5.85 -10.97 -6.71
C SER B 336 4.96 -11.43 -7.86
N PHE B 337 5.53 -12.23 -8.76
CA PHE B 337 4.80 -12.78 -9.89
C PHE B 337 5.21 -14.23 -10.07
N PRO B 338 4.49 -15.15 -9.43
CA PRO B 338 4.88 -16.56 -9.48
C PRO B 338 4.67 -17.15 -10.87
N GLU B 339 5.41 -18.23 -11.14
CA GLU B 339 5.39 -18.85 -12.47
C GLU B 339 4.00 -19.37 -12.81
N SER B 340 3.27 -19.89 -11.82
CA SER B 340 1.93 -20.40 -12.10
C SER B 340 0.99 -19.30 -12.56
N LEU B 341 1.27 -18.05 -12.18
CA LEU B 341 0.47 -16.93 -12.65
C LEU B 341 0.93 -16.47 -14.04
N ALA B 342 2.24 -16.35 -14.23
CA ALA B 342 2.75 -15.90 -15.52
C ALA B 342 2.25 -16.75 -16.67
N ARG B 343 2.19 -18.07 -16.46
CA ARG B 343 1.71 -18.97 -17.51
C ARG B 343 0.23 -18.80 -17.81
N GLN B 344 -0.47 -17.97 -17.06
CA GLN B 344 -1.89 -17.72 -17.32
C GLN B 344 -2.10 -16.56 -18.28
N VAL B 345 -1.16 -15.63 -18.36
CA VAL B 345 -1.34 -14.47 -19.23
C VAL B 345 -1.54 -14.87 -20.68
N PRO B 346 -0.67 -15.68 -21.30
CA PRO B 346 -0.91 -16.04 -22.70
C PRO B 346 -2.18 -16.85 -22.91
N GLU B 347 -2.49 -17.78 -22.00
CA GLU B 347 -3.66 -18.63 -22.18
C GLU B 347 -4.96 -17.86 -21.93
N VAL B 348 -5.00 -17.07 -20.87
CA VAL B 348 -6.22 -16.37 -20.49
C VAL B 348 -6.32 -15.01 -21.17
N LEU B 349 -5.27 -14.20 -21.07
CA LEU B 349 -5.28 -12.86 -21.64
C LEU B 349 -4.98 -12.84 -23.13
N ASN B 350 -4.48 -13.95 -23.69
CA ASN B 350 -4.27 -14.08 -25.13
C ASN B 350 -3.33 -13.00 -25.66
N CYS B 351 -2.23 -12.77 -24.94
CA CYS B 351 -1.18 -11.88 -25.39
C CYS B 351 0.14 -12.42 -24.84
N LYS B 352 1.24 -11.88 -25.34
CA LYS B 352 2.53 -12.31 -24.84
C LYS B 352 2.91 -11.53 -23.59
N LEU B 353 3.76 -12.15 -22.77
CA LEU B 353 4.14 -11.62 -21.47
C LEU B 353 5.59 -11.14 -21.49
N GLN B 354 5.83 -10.01 -20.85
CA GLN B 354 7.18 -9.51 -20.62
C GLN B 354 7.30 -9.17 -19.15
N GLN B 355 8.20 -9.88 -18.45
CA GLN B 355 8.43 -9.63 -17.03
C GLN B 355 9.55 -8.63 -16.86
N GLY B 356 9.39 -7.73 -15.87
CA GLY B 356 10.35 -6.68 -15.64
C GLY B 356 10.52 -6.42 -14.15
N PHE B 357 11.59 -5.69 -13.84
CA PHE B 357 11.94 -5.41 -12.44
C PHE B 357 12.85 -4.18 -12.44
N GLY B 358 12.28 -3.03 -12.08
CA GLY B 358 13.01 -1.78 -12.09
C GLY B 358 12.76 -0.98 -10.82
N MET B 359 13.41 0.19 -10.78
CA MET B 359 13.27 1.11 -9.66
C MET B 359 13.45 2.52 -10.16
N ALA B 360 12.71 3.45 -9.56
CA ALA B 360 12.84 4.86 -9.92
C ALA B 360 14.24 5.39 -9.69
N GLU B 361 15.10 4.65 -8.99
CA GLU B 361 16.49 5.03 -8.81
C GLU B 361 17.34 4.75 -10.04
N GLY B 362 16.85 3.94 -10.98
CA GLY B 362 17.60 3.66 -12.18
C GLY B 362 17.38 2.28 -12.78
N LEU B 363 18.17 1.31 -12.33
CA LEU B 363 18.25 -0.01 -12.96
C LEU B 363 16.88 -0.57 -13.30
N VAL B 364 16.72 -0.95 -14.57
CA VAL B 364 15.51 -1.59 -15.06
C VAL B 364 15.90 -2.90 -15.73
N ASN B 365 15.19 -3.97 -15.38
CA ASN B 365 15.40 -5.29 -15.97
C ASN B 365 14.16 -5.70 -16.77
N TYR B 366 14.39 -6.47 -17.82
CA TYR B 366 13.31 -6.91 -18.69
C TYR B 366 13.69 -8.23 -19.34
N THR B 367 12.69 -9.07 -19.55
CA THR B 367 12.87 -10.25 -20.39
C THR B 367 12.86 -9.83 -21.85
N ARG B 368 13.84 -10.31 -22.61
CA ARG B 368 13.87 -10.01 -24.03
C ARG B 368 12.74 -10.75 -24.74
N LEU B 369 12.25 -10.15 -25.82
CA LEU B 369 11.12 -10.75 -26.54
C LEU B 369 11.51 -12.01 -27.31
N ASP B 370 12.76 -12.47 -27.21
CA ASP B 370 13.19 -13.71 -27.86
C ASP B 370 13.77 -14.70 -26.84
N ASP B 371 13.50 -14.50 -25.55
CA ASP B 371 14.02 -15.40 -24.53
C ASP B 371 13.23 -16.71 -24.54
N SER B 372 13.82 -17.72 -23.90
CA SER B 372 13.17 -19.03 -23.83
C SER B 372 11.93 -18.96 -22.94
N ASP B 373 11.03 -19.92 -23.14
CA ASP B 373 9.76 -19.91 -22.43
C ASP B 373 9.95 -20.00 -20.92
N GLU B 374 10.95 -20.75 -20.47
CA GLU B 374 11.23 -20.80 -19.03
C GLU B 374 11.79 -19.47 -18.54
N GLN B 375 12.48 -18.72 -19.40
CA GLN B 375 13.00 -17.42 -19.01
C GLN B 375 11.87 -16.43 -18.75
N ILE B 376 10.96 -16.29 -19.71
CA ILE B 376 9.87 -15.32 -19.57
C ILE B 376 8.98 -15.66 -18.37
N PHE B 377 8.80 -16.95 -18.09
CA PHE B 377 7.85 -17.37 -17.09
C PHE B 377 8.44 -17.57 -15.70
N THR B 378 9.77 -17.52 -15.56
CA THR B 378 10.38 -17.78 -14.26
C THR B 378 11.50 -16.81 -13.89
N THR B 379 11.71 -15.74 -14.66
CA THR B 379 12.75 -14.77 -14.35
C THR B 379 12.22 -13.36 -14.60
N GLN B 380 12.95 -12.38 -14.08
CA GLN B 380 12.62 -10.98 -14.27
C GLN B 380 13.53 -10.30 -15.30
N GLY B 381 14.16 -11.09 -16.17
CA GLY B 381 15.00 -10.53 -17.20
C GLY B 381 16.36 -10.11 -16.68
N ARG B 382 17.06 -9.32 -17.50
CA ARG B 382 18.40 -8.84 -17.22
C ARG B 382 18.49 -7.35 -17.54
N PRO B 383 19.61 -6.71 -17.16
CA PRO B 383 19.69 -5.26 -17.25
C PRO B 383 19.49 -4.73 -18.67
N ILE B 384 18.96 -3.51 -18.75
CA ILE B 384 18.67 -2.89 -20.03
C ILE B 384 19.95 -2.53 -20.77
N SER B 385 20.97 -2.09 -20.03
CA SER B 385 22.22 -1.62 -20.62
C SER B 385 23.33 -2.64 -20.40
N SER B 386 24.12 -2.88 -21.45
CA SER B 386 25.30 -3.72 -21.31
C SER B 386 26.28 -3.14 -20.31
N ASP B 387 26.19 -1.84 -20.02
CA ASP B 387 27.06 -1.16 -19.05
C ASP B 387 26.39 -1.00 -17.69
N ASP B 388 25.26 -1.68 -17.48
CA ASP B 388 24.68 -1.80 -16.15
C ASP B 388 25.48 -2.82 -15.34
N GLU B 389 26.04 -2.40 -14.22
CA GLU B 389 26.89 -3.25 -13.39
C GLU B 389 26.09 -3.76 -12.20
N ILE B 390 26.19 -5.06 -11.95
CA ILE B 390 25.39 -5.75 -10.96
C ILE B 390 26.30 -6.47 -9.99
N LYS B 391 26.01 -6.31 -8.69
CA LYS B 391 26.75 -6.98 -7.62
C LYS B 391 25.75 -7.62 -6.68
N ILE B 392 25.99 -8.90 -6.36
CA ILE B 392 25.12 -9.68 -5.47
C ILE B 392 25.98 -10.14 -4.31
N VAL B 393 25.78 -9.53 -3.13
CA VAL B 393 26.66 -9.71 -2.00
C VAL B 393 25.87 -10.23 -0.80
N ASP B 394 26.60 -10.64 0.23
CA ASP B 394 26.03 -11.25 1.43
C ASP B 394 26.04 -10.24 2.58
N GLU B 395 25.78 -10.74 3.80
CA GLU B 395 25.75 -9.87 4.97
C GLU B 395 27.10 -9.20 5.21
N GLN B 396 28.19 -9.86 4.83
CA GLN B 396 29.53 -9.29 4.96
C GLN B 396 29.90 -8.43 3.75
N TYR B 397 28.95 -8.16 2.86
CA TYR B 397 29.17 -7.35 1.66
C TYR B 397 30.23 -7.96 0.75
N ARG B 398 30.42 -9.27 0.83
CA ARG B 398 31.26 -10.01 -0.09
C ARG B 398 30.40 -10.61 -1.20
N GLU B 399 30.99 -10.71 -2.40
CA GLU B 399 30.27 -11.26 -3.54
C GLU B 399 30.00 -12.74 -3.31
N VAL B 400 28.72 -13.09 -3.14
CA VAL B 400 28.32 -14.48 -2.96
C VAL B 400 28.69 -15.26 -4.22
N PRO B 401 28.97 -16.56 -4.12
CA PRO B 401 29.21 -17.36 -5.33
C PRO B 401 28.02 -17.27 -6.27
N GLU B 402 28.20 -17.80 -7.47
CA GLU B 402 27.15 -17.75 -8.47
C GLU B 402 25.98 -18.62 -8.03
N GLY B 403 24.76 -18.09 -8.10
CA GLY B 403 23.58 -18.90 -7.84
C GLY B 403 22.73 -18.49 -6.65
N GLU B 404 23.34 -18.33 -5.48
CA GLU B 404 22.59 -18.13 -4.26
C GLU B 404 22.07 -16.70 -4.17
N ILE B 405 21.35 -16.42 -3.08
CA ILE B 405 20.63 -15.16 -2.90
C ILE B 405 21.52 -14.16 -2.18
N GLY B 406 21.36 -12.89 -2.55
CA GLY B 406 22.11 -11.81 -1.92
C GLY B 406 21.46 -10.48 -2.26
N MET B 407 22.05 -9.42 -1.69
CA MET B 407 21.54 -8.08 -1.92
C MET B 407 21.99 -7.53 -3.27
N LEU B 408 21.17 -6.66 -3.84
CA LEU B 408 21.44 -6.09 -5.15
C LEU B 408 22.14 -4.74 -5.00
N ALA B 409 23.34 -4.64 -5.57
CA ALA B 409 24.07 -3.38 -5.69
C ALA B 409 24.36 -3.13 -7.15
N THR B 410 24.17 -1.88 -7.59
CA THR B 410 24.20 -1.61 -9.02
C THR B 410 24.70 -0.19 -9.28
N ARG B 411 25.32 -0.03 -10.43
CA ARG B 411 25.62 1.28 -10.97
C ARG B 411 25.56 1.16 -12.48
N GLY B 412 25.28 2.28 -13.15
CA GLY B 412 25.17 2.32 -14.58
C GLY B 412 24.91 3.70 -15.15
N PRO B 413 24.67 3.77 -16.46
CA PRO B 413 24.50 5.08 -17.13
C PRO B 413 23.16 5.75 -16.86
N TYR B 414 22.26 5.14 -16.10
CA TYR B 414 21.00 5.81 -15.76
C TYR B 414 20.58 5.56 -14.32
N THR B 415 21.48 5.07 -13.46
CA THR B 415 21.21 4.91 -12.05
C THR B 415 21.74 6.12 -11.29
N PHE B 416 20.89 6.72 -10.47
CA PHE B 416 21.23 7.96 -9.81
C PHE B 416 22.41 7.77 -8.85
N CYS B 417 22.95 8.91 -8.37
CA CYS B 417 24.10 8.91 -7.49
C CYS B 417 23.78 9.45 -6.10
N GLY B 418 22.51 9.67 -5.78
CA GLY B 418 22.14 10.17 -4.47
C GLY B 418 20.79 10.85 -4.43
N TYR B 419 20.13 10.78 -3.27
CA TYR B 419 18.84 11.44 -3.10
C TYR B 419 19.02 12.93 -2.85
N TYR B 420 18.02 13.71 -3.26
CA TYR B 420 18.08 15.16 -3.16
C TYR B 420 18.27 15.60 -1.71
N GLN B 421 19.33 16.37 -1.46
CA GLN B 421 19.61 16.95 -0.15
C GLN B 421 19.45 15.92 0.97
N SER B 422 20.14 14.79 0.83
CA SER B 422 20.07 13.70 1.80
C SER B 422 21.44 13.05 1.94
N PRO B 423 22.46 13.84 2.33
CA PRO B 423 23.81 13.27 2.39
C PRO B 423 23.96 12.13 3.39
N GLU B 424 23.24 12.20 4.52
CA GLU B 424 23.33 11.12 5.51
C GLU B 424 22.80 9.82 4.92
N HIS B 425 21.57 9.86 4.39
CA HIS B 425 20.98 8.65 3.81
C HIS B 425 21.85 8.08 2.70
N ASN B 426 22.46 8.96 1.88
CA ASN B 426 23.17 8.49 0.70
C ASN B 426 24.39 7.67 1.07
N SER B 427 25.10 8.05 2.14
CA SER B 427 26.28 7.29 2.56
C SER B 427 25.91 5.91 3.09
N GLN B 428 24.64 5.70 3.48
CA GLN B 428 24.20 4.40 3.96
C GLN B 428 23.99 3.43 2.79
N VAL B 429 23.37 3.90 1.70
CA VAL B 429 22.95 3.03 0.62
C VAL B 429 23.95 3.00 -0.53
N PHE B 430 25.03 3.79 -0.46
CA PHE B 430 26.08 3.78 -1.46
C PHE B 430 27.38 3.32 -0.83
N ASP B 431 28.12 2.48 -1.54
CA ASP B 431 29.41 2.01 -1.05
C ASP B 431 30.54 2.80 -1.69
N GLU B 432 31.78 2.41 -1.39
CA GLU B 432 32.95 3.17 -1.82
C GLU B 432 32.93 3.41 -3.33
N ASP B 433 32.64 2.37 -4.10
CA ASP B 433 32.61 2.48 -5.56
C ASP B 433 31.30 3.04 -6.09
N ASN B 434 30.48 3.64 -5.23
CA ASN B 434 29.22 4.25 -5.63
C ASN B 434 28.26 3.25 -6.25
N TYR B 435 28.31 2.00 -5.79
CA TYR B 435 27.22 1.07 -6.09
C TYR B 435 26.01 1.42 -5.21
N TYR B 436 24.83 1.40 -5.81
CA TYR B 436 23.61 1.64 -5.06
C TYR B 436 23.03 0.31 -4.58
N TYR B 437 22.56 0.30 -3.34
CA TYR B 437 22.02 -0.90 -2.71
C TYR B 437 20.51 -0.75 -2.63
N SER B 438 19.80 -1.36 -3.59
CA SER B 438 18.37 -1.20 -3.70
C SER B 438 17.61 -1.85 -2.54
N GLY B 439 18.26 -2.75 -1.80
CA GLY B 439 17.57 -3.54 -0.81
C GLY B 439 16.85 -4.76 -1.35
N ASP B 440 16.82 -4.93 -2.67
CA ASP B 440 16.17 -6.09 -3.26
C ASP B 440 17.02 -7.33 -3.09
N LEU B 441 16.37 -8.45 -2.77
CA LEU B 441 17.04 -9.75 -2.74
C LEU B 441 16.83 -10.44 -4.08
N VAL B 442 17.91 -10.94 -4.66
CA VAL B 442 17.91 -11.46 -6.01
C VAL B 442 18.84 -12.66 -6.11
N GLN B 443 18.72 -13.40 -7.21
CA GLN B 443 19.65 -14.45 -7.57
C GLN B 443 19.77 -14.47 -9.09
N ARG B 444 20.97 -14.77 -9.58
CA ARG B 444 21.22 -14.86 -11.01
C ARG B 444 21.09 -16.31 -11.46
N THR B 445 20.25 -16.54 -12.47
CA THR B 445 20.04 -17.86 -13.01
C THR B 445 21.25 -18.29 -13.84
N PRO B 446 21.28 -19.55 -14.28
CA PRO B 446 22.44 -20.00 -15.07
C PRO B 446 22.57 -19.26 -16.39
N ASP B 447 21.46 -18.90 -17.02
CA ASP B 447 21.49 -18.23 -18.32
C ASP B 447 21.88 -16.77 -18.24
N GLY B 448 22.02 -16.21 -17.04
CA GLY B 448 22.37 -14.82 -16.88
C GLY B 448 21.24 -13.88 -16.55
N ASN B 449 20.04 -14.40 -16.32
CA ASN B 449 18.90 -13.57 -15.94
C ASN B 449 18.84 -13.45 -14.42
N LEU B 450 17.89 -12.65 -13.93
CA LEU B 450 17.76 -12.38 -12.50
C LEU B 450 16.36 -12.70 -12.03
N ARG B 451 16.27 -13.21 -10.81
CA ARG B 451 15.00 -13.49 -10.14
C ARG B 451 14.96 -12.68 -8.86
N VAL B 452 13.91 -11.88 -8.69
CA VAL B 452 13.69 -11.14 -7.46
C VAL B 452 12.90 -12.03 -6.51
N VAL B 453 13.42 -12.21 -5.30
CA VAL B 453 12.85 -13.15 -4.35
C VAL B 453 12.44 -12.51 -3.02
N GLY B 454 12.80 -11.25 -2.79
CA GLY B 454 12.41 -10.60 -1.56
C GLY B 454 13.08 -9.25 -1.42
N ARG B 455 12.94 -8.68 -0.23
CA ARG B 455 13.53 -7.40 0.11
C ARG B 455 14.24 -7.52 1.46
N ILE B 456 15.09 -6.53 1.74
CA ILE B 456 15.89 -6.54 2.97
C ILE B 456 16.12 -5.09 3.38
N LYS B 457 15.78 -4.77 4.64
CA LYS B 457 15.90 -3.41 5.13
C LYS B 457 17.36 -3.01 5.34
#